data_6RMD
#
_entry.id   6RMD
#
_cell.length_a   210.690
_cell.length_b   210.690
_cell.length_c   106.230
_cell.angle_alpha   90.00
_cell.angle_beta   90.00
_cell.angle_gamma   120.00
#
_symmetry.space_group_name_H-M   'P 65 2 2'
#
loop_
_entity.id
_entity.type
_entity.pdbx_description
1 polymer "IMP-specific 5'-nucleotidase, putative"
2 polymer "IMP-specific 5'-nucleotidase, putative"
3 non-polymer 1,2-ETHANEDIOL
4 non-polymer "ADENOSINE-5'-TRIPHOSPHATE"
5 water water
#
loop_
_entity_poly.entity_id
_entity_poly.type
_entity_poly.pdbx_seq_one_letter_code
_entity_poly.pdbx_strand_id
1 'polypeptide(L)'
;DNIEDIPLGSSEQDPYDFFTLSDRNVMNSDMKKNIVQWNSRYSYNQLKNKDSLIMFLVEIFRSLFVSNCIDKNIDNVLLS
IEEMFIDHYYNPQHSRLKYLIDDVGIFFTKLPITKAFHTYNKKYRITKRLYAPPTFNEVRHILNLAQILSLEEGLDLLTF
DADETLYPDGHDFNDEVLASYISCLLKKMNIAIVTAASYNNDAEKYQKRLENLLKYFSKHNIKDGSYKNFYVMGGESNYL
FKCNEEATLYSVPENEWRHYKKFVDYDTVQEILNISEKCLEKVIKDFGLCAQIQRKEKSIGLVPNKIPSLNIKNEQKNYM
IKYEVLEEAVIRIKKEIIKNKITAPYCAFNGGQDLWVDVGNKAEGLLILQKLLKIQKKKCCHIGDQFLHSGNDFPTRFCS
LTLWVSNPQETKACLKSIMHLNIKSFIPEVLYENQ
;
A
2 'polypeptide(L)'
;KDSLIMFLVEIFRSLFVSNCIDKNIDNVLLSIEEMFIDHYYNPQHSRLKYLIDDVGIFFTKLPITKAFHTYNKKYRITKR
LYAPPTFNEVRHILNLAQILSLEEGLDLLTFDADETLYPDGHDFNDEVLASYISCLLKKMNIAIVTAASYNNDAEKYQKR
LENLLKYFSKHNIKDGSYKNFYVMGGESNYLFKCNEEATLYSVPENEWRHYKKFVDYDTVQEILNISEKCLEKVIKDFGL
CAQIQRKEKSIGLVPNKIPSLNIKNEQKNYMIKYEVLEEAVIRIKKEIIKNKITAPYCAFNGGQDLWVDVGNKAEGLLIL
QKLLKIQKKKCCHIGDQFLHSGNDFPTRFCSLTLWVSNPQETKACLKSIMHL
;
D
#
# COMPACT_ATOMS: atom_id res chain seq x y z
N ASP A 1 10.68 -30.25 -7.34
CA ASP A 1 11.35 -31.48 -6.94
C ASP A 1 12.81 -31.51 -7.41
N ASN A 2 13.10 -30.83 -8.52
CA ASN A 2 14.45 -30.74 -9.06
C ASN A 2 14.83 -29.27 -9.27
N ILE A 3 16.11 -29.04 -9.59
CA ILE A 3 16.63 -27.68 -9.66
C ILE A 3 16.00 -26.91 -10.81
N GLU A 4 15.77 -27.58 -11.94
CA GLU A 4 15.14 -26.91 -13.09
C GLU A 4 13.71 -26.49 -12.78
N ASP A 5 13.06 -27.12 -11.80
CA ASP A 5 11.70 -26.74 -11.43
C ASP A 5 11.65 -25.58 -10.45
N ILE A 6 12.74 -25.31 -9.73
CA ILE A 6 12.78 -24.25 -8.73
C ILE A 6 12.92 -22.90 -9.43
N PRO A 7 12.15 -21.88 -9.04
CA PRO A 7 12.19 -20.57 -9.72
C PRO A 7 13.40 -19.73 -9.32
N LEU A 8 14.52 -19.99 -9.95
CA LEU A 8 15.78 -19.34 -9.62
C LEU A 8 16.09 -18.27 -10.67
N GLY A 9 16.41 -17.07 -10.18
CA GLY A 9 16.93 -16.01 -11.02
C GLY A 9 18.35 -15.68 -10.62
N SER A 10 19.30 -16.48 -11.12
CA SER A 10 20.69 -16.35 -10.69
C SER A 10 21.34 -15.09 -11.24
N SER A 11 20.95 -14.66 -12.44
CA SER A 11 21.43 -13.42 -13.03
C SER A 11 20.46 -12.26 -12.81
N GLU A 12 19.41 -12.46 -12.03
CA GLU A 12 18.42 -11.43 -11.81
C GLU A 12 18.94 -10.37 -10.85
N GLN A 13 18.19 -9.28 -10.78
CA GLN A 13 18.51 -8.14 -9.93
C GLN A 13 17.25 -7.75 -9.18
N ASP A 14 17.35 -7.70 -7.85
CA ASP A 14 16.26 -7.16 -7.06
C ASP A 14 16.15 -5.65 -7.31
N PRO A 15 14.94 -5.10 -7.20
CA PRO A 15 14.80 -3.64 -7.31
C PRO A 15 15.79 -2.93 -6.40
N TYR A 16 16.42 -1.90 -6.95
CA TYR A 16 17.46 -1.18 -6.23
C TYR A 16 16.95 -0.61 -4.92
N ASP A 17 17.69 -0.83 -3.84
CA ASP A 17 17.35 -0.32 -2.52
C ASP A 17 18.14 0.96 -2.27
N PHE A 18 17.51 2.10 -2.52
CA PHE A 18 18.16 3.40 -2.31
C PHE A 18 18.49 3.66 -0.85
N PHE A 19 17.91 2.89 0.08
CA PHE A 19 18.10 3.07 1.50
C PHE A 19 19.04 2.03 2.10
N THR A 20 19.59 1.14 1.28
CA THR A 20 20.63 0.17 1.65
C THR A 20 20.38 -0.43 3.04
N LEU A 21 19.16 -0.97 3.21
CA LEU A 21 18.75 -1.51 4.50
C LEU A 21 19.60 -2.69 4.96
N SER A 22 20.27 -3.38 4.03
CA SER A 22 21.13 -4.50 4.38
C SER A 22 22.59 -4.10 4.49
N ASP A 23 22.90 -2.81 4.44
CA ASP A 23 24.23 -2.32 4.76
C ASP A 23 24.38 -2.34 6.28
N ARG A 24 24.95 -3.42 6.81
CA ARG A 24 25.05 -3.61 8.26
C ARG A 24 26.05 -2.67 8.89
N ASN A 25 26.84 -1.94 8.11
CA ASN A 25 27.72 -0.94 8.69
C ASN A 25 26.94 0.32 9.11
N VAL A 26 25.81 0.59 8.47
CA VAL A 26 24.99 1.74 8.82
C VAL A 26 23.82 1.33 9.72
N MET A 27 23.19 0.21 9.38
CA MET A 27 22.13 -0.33 10.20
C MET A 27 22.69 -1.46 11.04
N ASN A 28 23.29 -1.08 12.16
CA ASN A 28 24.16 -1.94 12.95
C ASN A 28 23.60 -2.23 14.34
N SER A 29 22.28 -2.12 14.51
CA SER A 29 21.68 -2.40 15.81
C SER A 29 20.23 -2.77 15.60
N ASP A 30 19.70 -3.58 16.52
CA ASP A 30 18.29 -3.94 16.48
C ASP A 30 17.40 -2.71 16.60
N MET A 31 17.90 -1.66 17.27
CA MET A 31 17.13 -0.44 17.43
C MET A 31 16.89 0.23 16.08
N LYS A 32 17.93 0.37 15.26
CA LYS A 32 17.76 0.98 13.94
C LYS A 32 16.90 0.11 13.03
N LYS A 33 17.12 -1.21 13.03
CA LYS A 33 16.35 -2.10 12.16
C LYS A 33 14.86 -2.07 12.51
N ASN A 34 14.52 -1.89 13.79
CA ASN A 34 13.11 -1.85 14.13
C ASN A 34 12.46 -0.52 13.71
N ILE A 35 13.26 0.55 13.61
CA ILE A 35 12.70 1.86 13.28
C ILE A 35 12.38 1.96 11.79
N VAL A 36 13.19 1.35 10.92
CA VAL A 36 12.92 1.43 9.49
C VAL A 36 11.65 0.68 9.14
N GLN A 37 11.30 -0.36 9.91
CA GLN A 37 10.11 -1.13 9.62
C GLN A 37 8.83 -0.37 9.93
N TRP A 38 8.92 0.78 10.61
CA TRP A 38 7.75 1.61 10.82
C TRP A 38 7.49 2.52 9.64
N ASN A 39 8.54 3.10 9.06
CA ASN A 39 8.41 3.99 7.91
C ASN A 39 8.15 3.16 6.66
N SER A 40 6.88 3.11 6.24
CA SER A 40 6.52 2.31 5.08
C SER A 40 7.27 2.75 3.83
N ARG A 41 7.39 4.06 3.61
CA ARG A 41 8.12 4.57 2.45
C ARG A 41 9.62 4.31 2.53
N TYR A 42 10.11 3.71 3.61
CA TYR A 42 11.53 3.39 3.74
C TYR A 42 11.84 1.92 3.52
N SER A 43 10.91 1.02 3.86
CA SER A 43 11.24 -0.40 3.84
C SER A 43 10.15 -1.31 3.27
N TYR A 44 9.11 -0.77 2.65
CA TYR A 44 7.97 -1.60 2.26
C TYR A 44 8.33 -2.58 1.14
N ASN A 45 8.88 -2.07 0.03
CA ASN A 45 9.14 -2.96 -1.10
C ASN A 45 10.28 -3.93 -0.81
N GLN A 46 11.26 -3.51 -0.01
CA GLN A 46 12.34 -4.42 0.34
C GLN A 46 11.83 -5.59 1.17
N LEU A 47 10.96 -5.31 2.14
CA LEU A 47 10.40 -6.37 2.97
C LEU A 47 9.48 -7.29 2.17
N LYS A 48 8.59 -6.70 1.35
CA LYS A 48 7.69 -7.52 0.56
C LYS A 48 8.45 -8.42 -0.39
N ASN A 49 9.58 -7.95 -0.91
CA ASN A 49 10.36 -8.77 -1.83
C ASN A 49 11.15 -9.87 -1.14
N LYS A 50 11.13 -9.91 0.19
CA LYS A 50 11.74 -10.99 0.93
C LYS A 50 10.72 -12.03 1.39
N ASP A 51 9.49 -11.60 1.68
CA ASP A 51 8.41 -12.56 1.93
C ASP A 51 7.09 -11.81 1.70
N SER A 52 6.56 -11.93 0.48
CA SER A 52 5.30 -11.30 0.11
C SER A 52 4.11 -11.87 0.87
N LEU A 53 4.21 -13.12 1.35
CA LEU A 53 3.16 -13.69 2.18
C LEU A 53 3.05 -12.97 3.51
N ILE A 54 4.19 -12.68 4.15
CA ILE A 54 4.16 -11.96 5.41
C ILE A 54 3.61 -10.55 5.21
N MET A 55 4.05 -9.86 4.15
CA MET A 55 3.52 -8.53 3.90
C MET A 55 2.03 -8.58 3.59
N PHE A 56 1.60 -9.63 2.89
CA PHE A 56 0.18 -9.84 2.65
C PHE A 56 -0.61 -9.81 3.96
N LEU A 57 -0.10 -10.51 4.99
CA LEU A 57 -0.77 -10.54 6.29
C LEU A 57 -0.65 -9.21 7.04
N VAL A 58 0.52 -8.56 6.94
CA VAL A 58 0.71 -7.29 7.61
C VAL A 58 -0.34 -6.28 7.14
N GLU A 59 -0.56 -6.21 5.82
CA GLU A 59 -1.51 -5.23 5.30
C GLU A 59 -2.94 -5.55 5.74
N ILE A 60 -3.30 -6.83 5.79
CA ILE A 60 -4.62 -7.21 6.28
C ILE A 60 -4.79 -6.81 7.74
N PHE A 61 -3.75 -7.04 8.55
CA PHE A 61 -3.83 -6.67 9.96
C PHE A 61 -3.82 -5.16 10.14
N ARG A 62 -3.06 -4.43 9.32
CA ARG A 62 -3.08 -2.97 9.41
C ARG A 62 -4.50 -2.44 9.23
N SER A 63 -5.27 -3.05 8.32
CA SER A 63 -6.62 -2.55 8.07
C SER A 63 -7.60 -3.01 9.13
N LEU A 64 -7.41 -4.22 9.69
CA LEU A 64 -8.15 -4.58 10.89
C LEU A 64 -7.84 -3.64 12.04
N PHE A 65 -6.61 -3.12 12.09
CA PHE A 65 -6.22 -2.21 13.16
C PHE A 65 -6.89 -0.85 13.01
N VAL A 66 -6.70 -0.19 11.86
CA VAL A 66 -7.26 1.15 11.67
C VAL A 66 -8.80 1.12 11.71
N SER A 67 -9.41 -0.01 11.33
CA SER A 67 -10.86 -0.10 11.44
C SER A 67 -11.31 -0.35 12.88
N ASN A 68 -10.35 -0.51 13.79
CA ASN A 68 -10.61 -0.55 15.23
C ASN A 68 -11.29 -1.84 15.66
N CYS A 69 -10.98 -2.96 15.00
CA CYS A 69 -11.57 -4.22 15.42
C CYS A 69 -10.56 -5.33 15.68
N ILE A 70 -9.25 -5.02 15.65
CA ILE A 70 -8.26 -6.09 15.77
C ILE A 70 -8.29 -6.76 17.14
N ASP A 71 -8.84 -6.12 18.16
CA ASP A 71 -8.98 -6.73 19.48
C ASP A 71 -10.36 -7.35 19.70
N LYS A 72 -11.22 -7.34 18.69
CA LYS A 72 -12.50 -8.03 18.74
C LYS A 72 -12.35 -9.41 18.10
N ASN A 73 -13.46 -10.12 17.94
CA ASN A 73 -13.41 -11.45 17.35
C ASN A 73 -13.15 -11.31 15.86
N ILE A 74 -11.89 -11.43 15.45
CA ILE A 74 -11.52 -11.38 14.05
C ILE A 74 -11.38 -12.79 13.46
N ASP A 75 -12.04 -13.78 14.05
CA ASP A 75 -11.90 -15.14 13.56
C ASP A 75 -12.52 -15.33 12.19
N ASN A 76 -13.50 -14.51 11.83
CA ASN A 76 -14.07 -14.61 10.49
C ASN A 76 -13.03 -14.27 9.42
N VAL A 77 -12.11 -13.36 9.75
CA VAL A 77 -11.05 -13.01 8.80
C VAL A 77 -9.96 -14.07 8.82
N LEU A 78 -9.51 -14.48 10.00
CA LEU A 78 -8.43 -15.45 10.10
C LEU A 78 -8.80 -16.78 9.48
N LEU A 79 -10.02 -17.26 9.74
CA LEU A 79 -10.39 -18.59 9.27
C LEU A 79 -10.55 -18.63 7.76
N SER A 80 -10.93 -17.52 7.13
CA SER A 80 -11.01 -17.54 5.67
C SER A 80 -9.62 -17.41 5.05
N ILE A 81 -8.71 -16.70 5.73
CA ILE A 81 -7.31 -16.80 5.35
C ILE A 81 -6.83 -18.25 5.50
N GLU A 82 -7.12 -18.87 6.65
CA GLU A 82 -6.69 -20.26 6.85
C GLU A 82 -7.28 -21.17 5.79
N GLU A 83 -8.52 -20.91 5.38
CA GLU A 83 -9.11 -21.72 4.32
C GLU A 83 -8.35 -21.57 3.00
N MET A 84 -7.87 -20.36 2.70
CA MET A 84 -7.05 -20.18 1.50
C MET A 84 -5.72 -20.92 1.62
N PHE A 85 -5.15 -20.94 2.82
CA PHE A 85 -3.89 -21.66 3.04
C PHE A 85 -4.09 -23.15 2.83
N ILE A 86 -5.17 -23.71 3.39
CA ILE A 86 -5.45 -25.13 3.16
C ILE A 86 -5.67 -25.38 1.69
N ASP A 87 -6.44 -24.52 1.02
CA ASP A 87 -6.68 -24.71 -0.40
C ASP A 87 -5.37 -24.66 -1.18
N HIS A 88 -4.47 -23.75 -0.78
CA HIS A 88 -3.18 -23.66 -1.44
C HIS A 88 -2.37 -24.92 -1.22
N TYR A 89 -2.44 -25.49 -0.02
CA TYR A 89 -1.80 -26.78 0.27
C TYR A 89 -2.26 -27.85 -0.72
N TYR A 90 -3.55 -27.87 -1.04
CA TYR A 90 -4.08 -28.88 -1.96
C TYR A 90 -3.87 -28.52 -3.43
N ASN A 91 -3.55 -27.26 -3.73
CA ASN A 91 -3.45 -26.80 -5.12
C ASN A 91 -2.33 -25.77 -5.26
N PRO A 92 -1.08 -26.18 -5.00
CA PRO A 92 0.03 -25.21 -4.97
C PRO A 92 0.08 -24.25 -6.16
N GLN A 93 -0.39 -24.65 -7.32
CA GLN A 93 -0.64 -23.72 -8.41
C GLN A 93 -2.13 -23.69 -8.70
N HIS A 94 -2.57 -22.60 -9.33
CA HIS A 94 -3.97 -22.33 -9.64
C HIS A 94 -4.83 -22.09 -8.40
N SER A 95 -4.26 -22.08 -7.19
CA SER A 95 -5.09 -21.78 -6.03
C SER A 95 -5.41 -20.29 -5.99
N ARG A 96 -6.35 -19.93 -5.11
CA ARG A 96 -6.72 -18.52 -4.96
C ARG A 96 -5.59 -17.72 -4.35
N LEU A 97 -4.88 -18.31 -3.38
CA LEU A 97 -3.73 -17.63 -2.79
C LEU A 97 -2.63 -17.39 -3.82
N LYS A 98 -2.39 -18.37 -4.70
CA LYS A 98 -1.37 -18.19 -5.74
C LYS A 98 -1.72 -17.03 -6.66
N TYR A 99 -3.02 -16.85 -6.95
CA TYR A 99 -3.43 -15.75 -7.80
C TYR A 99 -3.17 -14.40 -7.13
N LEU A 100 -3.34 -14.35 -5.80
CA LEU A 100 -3.09 -13.11 -5.06
C LEU A 100 -1.61 -12.88 -4.85
N ILE A 101 -0.85 -13.95 -4.58
CA ILE A 101 0.57 -13.85 -4.24
C ILE A 101 1.31 -14.84 -5.14
N ASP A 102 1.80 -14.36 -6.28
CA ASP A 102 2.38 -15.27 -7.27
C ASP A 102 3.61 -15.99 -6.73
N ASP A 103 4.43 -15.29 -5.95
CA ASP A 103 5.63 -15.90 -5.38
C ASP A 103 5.41 -16.44 -3.98
N VAL A 104 4.19 -16.91 -3.68
CA VAL A 104 3.90 -17.43 -2.36
C VAL A 104 4.70 -18.70 -2.08
N GLY A 105 5.06 -19.46 -3.11
CA GLY A 105 5.76 -20.70 -2.86
C GLY A 105 4.84 -21.87 -2.57
N ILE A 106 5.32 -22.84 -1.81
CA ILE A 106 4.62 -24.10 -1.62
C ILE A 106 4.34 -24.28 -0.14
N PHE A 107 3.11 -24.68 0.19
CA PHE A 107 2.74 -25.13 1.52
C PHE A 107 2.78 -26.65 1.52
N PHE A 108 3.74 -27.21 2.25
CA PHE A 108 3.85 -28.66 2.39
C PHE A 108 3.05 -29.19 3.56
N THR A 109 2.24 -28.34 4.21
CA THR A 109 1.50 -28.71 5.39
C THR A 109 0.33 -27.75 5.53
N LYS A 110 -0.69 -28.18 6.27
CA LYS A 110 -1.82 -27.31 6.58
C LYS A 110 -1.40 -26.37 7.71
N LEU A 111 -1.30 -25.07 7.40
CA LEU A 111 -0.84 -24.09 8.38
C LEU A 111 -2.01 -23.62 9.24
N PRO A 112 -2.01 -23.89 10.54
CA PRO A 112 -3.05 -23.33 11.42
C PRO A 112 -2.75 -21.87 11.75
N ILE A 113 -3.05 -21.00 10.78
CA ILE A 113 -2.71 -19.60 10.95
C ILE A 113 -3.59 -18.94 12.02
N THR A 114 -4.83 -19.43 12.18
CA THR A 114 -5.70 -18.89 13.23
C THR A 114 -5.17 -19.24 14.60
N LYS A 115 -4.83 -20.52 14.82
CA LYS A 115 -4.26 -20.92 16.10
C LYS A 115 -2.93 -20.22 16.35
N ALA A 116 -2.19 -19.90 15.29
CA ALA A 116 -0.93 -19.21 15.46
C ALA A 116 -1.16 -17.81 16.01
N PHE A 117 -2.07 -17.06 15.37
CA PHE A 117 -2.37 -15.71 15.82
C PHE A 117 -2.84 -15.69 17.27
N HIS A 118 -3.76 -16.60 17.63
CA HIS A 118 -4.25 -16.63 18.99
C HIS A 118 -3.15 -16.96 19.98
N THR A 119 -2.24 -17.88 19.62
CA THR A 119 -1.14 -18.23 20.50
C THR A 119 -0.26 -17.02 20.77
N TYR A 120 0.24 -16.39 19.70
CA TYR A 120 1.10 -15.23 19.83
C TYR A 120 0.37 -14.07 20.51
N ASN A 121 -0.90 -13.85 20.15
CA ASN A 121 -1.64 -12.74 20.76
C ASN A 121 -1.97 -13.01 22.23
N LYS A 122 -2.14 -14.26 22.62
CA LYS A 122 -2.41 -14.54 24.02
C LYS A 122 -1.23 -14.12 24.90
N LYS A 123 -0.01 -14.40 24.44
CA LYS A 123 1.17 -14.08 25.24
C LYS A 123 1.57 -12.62 25.12
N TYR A 124 1.64 -12.10 23.89
CA TYR A 124 2.20 -10.77 23.67
C TYR A 124 1.15 -9.67 23.50
N ARG A 125 -0.11 -10.05 23.28
CA ARG A 125 -1.25 -9.13 23.33
C ARG A 125 -1.02 -7.91 22.45
N ILE A 126 -0.65 -8.18 21.19
CA ILE A 126 -0.37 -7.09 20.25
C ILE A 126 -1.66 -6.36 19.89
N THR A 127 -2.80 -7.05 19.93
CA THR A 127 -4.07 -6.38 19.67
C THR A 127 -4.49 -5.43 20.79
N LYS A 128 -3.81 -5.45 21.94
CA LYS A 128 -4.07 -4.47 22.99
C LYS A 128 -3.40 -3.13 22.74
N ARG A 129 -2.69 -2.96 21.62
CA ARG A 129 -2.03 -1.71 21.31
C ARG A 129 -2.98 -0.77 20.58
N LEU A 130 -3.00 0.49 21.00
CA LEU A 130 -3.86 1.48 20.36
C LEU A 130 -3.18 2.22 19.22
N TYR A 131 -1.86 2.14 19.10
CA TYR A 131 -1.13 3.01 18.17
C TYR A 131 0.03 2.37 17.41
N ALA A 132 0.33 1.10 17.66
CA ALA A 132 1.36 0.40 16.89
C ALA A 132 0.71 -0.86 16.34
N PRO A 133 0.33 -0.86 15.07
CA PRO A 133 -0.32 -2.04 14.47
C PRO A 133 0.67 -3.19 14.35
N PRO A 134 0.19 -4.42 14.15
CA PRO A 134 1.11 -5.55 14.00
C PRO A 134 2.20 -5.26 12.97
N THR A 135 3.41 -5.68 13.30
CA THR A 135 4.59 -5.36 12.52
C THR A 135 5.01 -6.54 11.65
N PHE A 136 5.89 -6.25 10.69
CA PHE A 136 6.44 -7.28 9.83
C PHE A 136 7.05 -8.42 10.65
N ASN A 137 7.89 -8.07 11.63
CA ASN A 137 8.50 -9.12 12.45
C ASN A 137 7.46 -9.91 13.22
N GLU A 138 6.42 -9.24 13.70
CA GLU A 138 5.43 -9.97 14.48
C GLU A 138 4.67 -10.96 13.62
N VAL A 139 4.37 -10.59 12.38
CA VAL A 139 3.75 -11.56 11.48
C VAL A 139 4.76 -12.63 11.08
N ARG A 140 6.03 -12.25 10.95
CA ARG A 140 7.08 -13.24 10.79
C ARG A 140 7.03 -14.29 11.91
N HIS A 141 6.95 -13.83 13.17
CA HIS A 141 6.82 -14.76 14.28
C HIS A 141 5.58 -15.63 14.15
N ILE A 142 4.45 -15.02 13.77
CA ILE A 142 3.19 -15.75 13.67
C ILE A 142 3.26 -16.82 12.58
N LEU A 143 3.93 -16.51 11.47
CA LEU A 143 4.08 -17.51 10.41
C LEU A 143 5.00 -18.65 10.84
N ASN A 144 6.03 -18.35 11.63
CA ASN A 144 6.87 -19.42 12.18
C ASN A 144 6.06 -20.33 13.08
N LEU A 145 5.20 -19.75 13.93
CA LEU A 145 4.38 -20.56 14.82
C LEU A 145 3.45 -21.47 14.04
N ALA A 146 2.85 -20.95 12.97
CA ALA A 146 1.94 -21.76 12.17
C ALA A 146 2.66 -22.97 11.58
N GLN A 147 3.88 -22.77 11.07
CA GLN A 147 4.60 -23.90 10.47
C GLN A 147 5.04 -24.90 11.53
N ILE A 148 5.41 -24.43 12.73
CA ILE A 148 5.78 -25.35 13.78
C ILE A 148 4.56 -26.11 14.29
N LEU A 149 3.44 -25.39 14.48
CA LEU A 149 2.19 -26.04 14.89
C LEU A 149 1.68 -27.05 13.87
N SER A 150 2.17 -27.00 12.63
CA SER A 150 1.70 -27.90 11.58
C SER A 150 2.51 -29.19 11.48
N LEU A 151 3.54 -29.36 12.31
CA LEU A 151 4.42 -30.53 12.25
C LEU A 151 3.85 -31.65 13.11
N GLU A 152 2.70 -32.17 12.66
CA GLU A 152 2.05 -33.23 13.42
C GLU A 152 2.79 -34.55 13.28
N GLU A 153 3.22 -34.89 12.07
CA GLU A 153 3.93 -36.13 11.84
C GLU A 153 5.41 -36.03 12.19
N GLY A 154 5.89 -34.87 12.59
CA GLY A 154 7.28 -34.73 13.00
C GLY A 154 8.20 -34.32 11.86
N LEU A 155 9.50 -34.35 12.17
CA LEU A 155 10.54 -33.98 11.22
C LEU A 155 11.57 -35.10 11.13
N ASP A 156 12.04 -35.35 9.91
CA ASP A 156 13.11 -36.29 9.67
C ASP A 156 14.40 -35.61 9.22
N LEU A 157 14.34 -34.33 8.87
CA LEU A 157 15.51 -33.55 8.49
C LEU A 157 15.30 -32.10 8.87
N LEU A 158 16.30 -31.52 9.54
CA LEU A 158 16.30 -30.11 9.92
C LEU A 158 17.59 -29.48 9.42
N THR A 159 17.47 -28.44 8.61
CA THR A 159 18.63 -27.84 7.95
C THR A 159 18.81 -26.38 8.36
N PHE A 160 20.06 -25.97 8.50
CA PHE A 160 20.43 -24.61 8.87
C PHE A 160 21.23 -23.97 7.74
N ASP A 161 21.00 -22.68 7.52
CA ASP A 161 21.97 -21.87 6.79
C ASP A 161 22.99 -21.38 7.80
N ALA A 162 24.17 -22.01 7.79
CA ALA A 162 25.20 -21.69 8.78
C ALA A 162 25.59 -20.23 8.72
N ASP A 163 25.71 -19.68 7.51
CA ASP A 163 26.16 -18.30 7.37
C ASP A 163 25.17 -17.34 8.00
N GLU A 164 23.88 -17.70 8.00
CA GLU A 164 22.82 -16.83 8.48
C GLU A 164 22.45 -17.05 9.94
N THR A 165 22.58 -18.28 10.46
CA THR A 165 22.04 -18.63 11.76
C THR A 165 23.05 -19.14 12.77
N LEU A 166 24.20 -19.66 12.35
CA LEU A 166 25.11 -20.36 13.26
C LEU A 166 26.42 -19.62 13.55
N TYR A 167 26.86 -18.73 12.68
CA TYR A 167 28.11 -18.01 12.89
C TYR A 167 27.79 -16.61 13.37
N PRO A 168 28.03 -16.29 14.64
CA PRO A 168 27.79 -14.92 15.12
C PRO A 168 28.84 -13.96 14.54
N ASP A 169 28.36 -12.97 13.79
CA ASP A 169 29.22 -11.96 13.17
C ASP A 169 30.25 -12.57 12.22
N GLY A 170 29.94 -13.74 11.65
CA GLY A 170 30.85 -14.41 10.75
C GLY A 170 31.99 -15.15 11.41
N HIS A 171 32.13 -15.07 12.73
CA HIS A 171 33.14 -15.83 13.44
C HIS A 171 32.70 -17.30 13.53
N ASP A 172 33.58 -18.13 14.08
CA ASP A 172 33.28 -19.55 14.22
C ASP A 172 32.11 -19.76 15.17
N PHE A 173 31.51 -20.95 15.07
CA PHE A 173 30.42 -21.34 15.97
C PHE A 173 30.84 -21.17 17.43
N ASN A 174 29.98 -20.54 18.22
CA ASN A 174 30.28 -20.27 19.63
C ASN A 174 28.96 -20.01 20.35
N ASP A 175 28.34 -21.09 20.83
CA ASP A 175 27.06 -21.01 21.52
C ASP A 175 26.75 -22.36 22.15
N GLU A 176 27.06 -22.50 23.44
CA GLU A 176 26.94 -23.82 24.08
C GLU A 176 25.50 -24.32 24.06
N VAL A 177 24.56 -23.46 24.45
CA VAL A 177 23.18 -23.92 24.59
C VAL A 177 22.54 -24.13 23.22
N LEU A 178 22.95 -23.37 22.20
CA LEU A 178 22.50 -23.68 20.85
C LEU A 178 23.01 -25.06 20.43
N ALA A 179 24.30 -25.32 20.64
CA ALA A 179 24.83 -26.65 20.37
C ALA A 179 24.02 -27.72 21.09
N SER A 180 23.65 -27.46 22.34
CA SER A 180 22.86 -28.42 23.11
C SER A 180 21.56 -28.75 22.37
N TYR A 181 20.84 -27.71 21.94
CA TYR A 181 19.58 -27.94 21.22
C TYR A 181 19.81 -28.76 19.95
N ILE A 182 20.81 -28.39 19.16
CA ILE A 182 21.08 -29.14 17.92
C ILE A 182 21.41 -30.60 18.24
N SER A 183 22.25 -30.82 19.26
CA SER A 183 22.68 -32.17 19.61
C SER A 183 21.49 -33.05 20.00
N CYS A 184 20.53 -32.50 20.74
CA CYS A 184 19.35 -33.26 21.11
C CYS A 184 18.50 -33.58 19.90
N LEU A 185 18.30 -32.58 19.02
CA LEU A 185 17.54 -32.83 17.80
C LEU A 185 18.28 -33.81 16.89
N LEU A 186 19.62 -33.74 16.88
CA LEU A 186 20.41 -34.69 16.11
C LEU A 186 20.07 -36.13 16.49
N LYS A 187 19.62 -36.36 17.72
CA LYS A 187 19.23 -37.68 18.18
C LYS A 187 17.84 -38.09 17.70
N LYS A 188 17.04 -37.15 17.20
CA LYS A 188 15.68 -37.44 16.75
C LYS A 188 15.49 -37.32 15.26
N MET A 189 16.45 -36.74 14.54
CA MET A 189 16.26 -36.41 13.13
C MET A 189 17.62 -36.13 12.50
N ASN A 190 17.68 -36.30 11.19
CA ASN A 190 18.86 -35.86 10.44
C ASN A 190 19.03 -34.36 10.57
N ILE A 191 20.27 -33.90 10.61
CA ILE A 191 20.56 -32.48 10.69
C ILE A 191 21.65 -32.17 9.66
N ALA A 192 21.37 -31.22 8.78
CA ALA A 192 22.30 -30.83 7.73
C ALA A 192 22.55 -29.33 7.82
N ILE A 193 23.76 -28.94 7.48
CA ILE A 193 24.20 -27.56 7.57
C ILE A 193 24.72 -27.15 6.19
N VAL A 194 24.21 -26.03 5.67
CA VAL A 194 24.60 -25.51 4.37
C VAL A 194 25.34 -24.19 4.56
N THR A 195 26.42 -24.00 3.81
CA THR A 195 27.18 -22.76 3.86
C THR A 195 27.75 -22.43 2.48
N ALA A 196 27.90 -21.14 2.20
CA ALA A 196 28.54 -20.72 0.97
C ALA A 196 30.06 -20.74 1.04
N ALA A 197 30.64 -20.95 2.22
CA ALA A 197 32.09 -20.98 2.32
C ALA A 197 32.64 -22.17 1.54
N SER A 198 33.52 -21.90 0.58
CA SER A 198 34.16 -22.94 -0.22
C SER A 198 35.62 -22.98 0.17
N TYR A 199 36.00 -24.01 0.92
CA TYR A 199 37.39 -24.30 1.21
C TYR A 199 37.91 -25.47 0.37
N ASN A 200 37.45 -25.56 -0.87
CA ASN A 200 37.69 -26.72 -1.75
C ASN A 200 37.18 -27.96 -0.98
N ASN A 201 37.87 -29.11 -1.07
CA ASN A 201 37.44 -30.30 -0.37
C ASN A 201 38.08 -30.44 1.01
N ASP A 202 38.62 -29.34 1.54
CA ASP A 202 39.47 -29.37 2.74
C ASP A 202 38.58 -29.44 3.99
N ALA A 203 38.33 -30.68 4.44
CA ALA A 203 37.41 -30.89 5.56
C ALA A 203 37.86 -30.14 6.80
N GLU A 204 39.17 -30.03 7.03
CA GLU A 204 39.66 -29.39 8.25
C GLU A 204 39.21 -27.94 8.34
N LYS A 205 39.13 -27.23 7.20
CA LYS A 205 38.75 -25.82 7.23
C LYS A 205 37.29 -25.64 7.62
N TYR A 206 36.39 -26.46 7.03
CA TYR A 206 34.99 -26.46 7.44
C TYR A 206 34.84 -26.83 8.91
N GLN A 207 35.62 -27.82 9.36
CA GLN A 207 35.57 -28.22 10.76
C GLN A 207 35.97 -27.08 11.68
N LYS A 208 36.87 -26.21 11.22
CA LYS A 208 37.26 -25.08 12.06
C LYS A 208 36.08 -24.14 12.27
N ARG A 209 35.23 -23.96 11.26
CA ARG A 209 34.06 -23.12 11.42
C ARG A 209 33.05 -23.72 12.39
N LEU A 210 33.04 -25.04 12.56
CA LEU A 210 32.06 -25.73 13.40
C LEU A 210 32.69 -26.47 14.57
N GLU A 211 33.92 -26.09 14.94
CA GLU A 211 34.69 -26.86 15.92
C GLU A 211 33.95 -27.03 17.24
N ASN A 212 33.43 -25.93 17.79
CA ASN A 212 32.77 -26.01 19.09
C ASN A 212 31.49 -26.82 19.03
N LEU A 213 30.77 -26.77 17.91
CA LEU A 213 29.59 -27.62 17.76
C LEU A 213 29.98 -29.09 17.72
N LEU A 214 30.95 -29.44 16.87
CA LEU A 214 31.40 -30.83 16.79
C LEU A 214 31.98 -31.32 18.12
N LYS A 215 32.64 -30.46 18.89
CA LYS A 215 33.13 -30.89 20.20
C LYS A 215 31.98 -31.23 21.12
N TYR A 216 30.87 -30.48 21.04
CA TYR A 216 29.68 -30.85 21.81
C TYR A 216 29.15 -32.21 21.36
N PHE A 217 29.16 -32.46 20.05
CA PHE A 217 28.79 -33.79 19.55
C PHE A 217 29.64 -34.88 20.19
N SER A 218 30.96 -34.66 20.29
CA SER A 218 31.85 -35.70 20.82
C SER A 218 31.65 -35.97 22.32
N LYS A 219 30.67 -35.35 22.98
CA LYS A 219 30.38 -35.66 24.37
C LYS A 219 28.95 -36.14 24.60
N HIS A 220 28.05 -35.97 23.62
CA HIS A 220 26.68 -36.44 23.78
C HIS A 220 26.14 -37.21 22.58
N ASN A 221 26.84 -37.25 21.45
CA ASN A 221 26.25 -37.77 20.23
C ASN A 221 27.05 -38.90 19.58
N ILE A 222 28.00 -39.49 20.29
CA ILE A 222 28.81 -40.53 19.65
C ILE A 222 28.39 -41.90 20.15
N LYS A 223 27.95 -41.98 21.41
CA LYS A 223 27.61 -43.30 21.97
C LYS A 223 26.31 -43.84 21.38
N ASP A 224 25.35 -42.96 21.10
CA ASP A 224 24.08 -43.40 20.55
C ASP A 224 24.05 -43.39 19.03
N GLY A 225 25.22 -43.27 18.38
CA GLY A 225 25.29 -43.28 16.93
C GLY A 225 24.54 -42.16 16.23
N SER A 226 24.14 -41.13 16.96
CA SER A 226 23.43 -40.03 16.33
C SER A 226 24.32 -39.22 15.40
N TYR A 227 25.65 -39.32 15.55
CA TYR A 227 26.57 -38.53 14.73
C TYR A 227 26.52 -38.91 13.25
N LYS A 228 26.08 -40.13 12.93
CA LYS A 228 25.95 -40.52 11.53
C LYS A 228 24.80 -39.80 10.83
N ASN A 229 24.04 -38.97 11.53
CA ASN A 229 22.92 -38.25 10.97
C ASN A 229 23.22 -36.78 10.68
N PHE A 230 24.46 -36.34 10.94
CA PHE A 230 24.86 -34.95 10.74
C PHE A 230 25.56 -34.79 9.40
N TYR A 231 25.18 -33.76 8.64
CA TYR A 231 25.75 -33.54 7.32
C TYR A 231 26.11 -32.06 7.16
N VAL A 232 27.16 -31.81 6.38
CA VAL A 232 27.61 -30.45 6.10
C VAL A 232 27.77 -30.30 4.59
N MET A 233 27.09 -29.31 4.01
CA MET A 233 27.18 -29.01 2.59
C MET A 233 27.92 -27.68 2.40
N GLY A 234 29.15 -27.75 1.88
CA GLY A 234 29.94 -26.57 1.65
C GLY A 234 29.91 -26.14 0.19
N GLY A 235 30.38 -24.93 -0.06
CA GLY A 235 30.28 -24.36 -1.39
C GLY A 235 28.87 -24.31 -1.92
N GLU A 236 27.89 -24.11 -1.04
CA GLU A 236 26.45 -24.07 -1.34
C GLU A 236 25.90 -25.40 -1.84
N SER A 237 26.58 -26.06 -2.76
CA SER A 237 26.10 -27.36 -3.23
C SER A 237 27.22 -28.11 -3.95
N ASN A 238 28.45 -28.01 -3.42
CA ASN A 238 29.61 -28.56 -4.11
C ASN A 238 30.41 -29.57 -3.30
N TYR A 239 30.37 -29.51 -1.97
CA TYR A 239 31.22 -30.32 -1.12
C TYR A 239 30.41 -30.85 0.04
N LEU A 240 30.35 -32.17 0.17
CA LEU A 240 29.50 -32.84 1.15
C LEU A 240 30.38 -33.54 2.18
N PHE A 241 30.08 -33.32 3.46
CA PHE A 241 30.85 -33.87 4.55
C PHE A 241 29.94 -34.55 5.55
N LYS A 242 30.48 -35.54 6.24
CA LYS A 242 29.77 -36.28 7.25
C LYS A 242 30.64 -36.35 8.51
N CYS A 243 30.16 -37.04 9.54
CA CYS A 243 30.86 -37.15 10.80
C CYS A 243 31.31 -38.59 11.05
N ASN A 244 32.48 -38.74 11.66
CA ASN A 244 32.97 -40.05 12.05
C ASN A 244 32.83 -40.24 13.56
N GLU A 245 33.35 -41.36 14.06
CA GLU A 245 33.28 -41.66 15.49
C GLU A 245 34.05 -40.66 16.34
N GLU A 246 35.04 -39.97 15.77
CA GLU A 246 35.85 -39.01 16.51
C GLU A 246 35.39 -37.56 16.30
N ALA A 247 34.14 -37.37 15.86
CA ALA A 247 33.55 -36.05 15.68
C ALA A 247 34.37 -35.18 14.73
N THR A 248 34.75 -35.78 13.60
CA THR A 248 35.61 -35.15 12.61
C THR A 248 34.93 -35.20 11.25
N LEU A 249 34.94 -34.08 10.54
CA LEU A 249 34.35 -34.02 9.21
C LEU A 249 35.23 -34.78 8.21
N TYR A 250 34.57 -35.54 7.34
CA TYR A 250 35.25 -36.24 6.25
C TYR A 250 34.39 -36.14 5.00
N SER A 251 35.05 -36.06 3.84
CA SER A 251 34.33 -35.88 2.58
C SER A 251 33.60 -37.16 2.18
N VAL A 252 32.37 -37.01 1.73
CA VAL A 252 31.62 -38.14 1.18
C VAL A 252 32.08 -38.36 -0.27
N PRO A 253 32.38 -39.60 -0.67
CA PRO A 253 32.79 -39.83 -2.07
C PRO A 253 31.74 -39.29 -3.04
N GLU A 254 32.19 -38.43 -3.95
CA GLU A 254 31.23 -37.72 -4.81
C GLU A 254 30.41 -38.68 -5.67
N ASN A 255 30.96 -39.87 -5.98
CA ASN A 255 30.16 -40.86 -6.67
C ASN A 255 28.92 -41.26 -5.87
N GLU A 256 28.92 -41.03 -4.56
CA GLU A 256 27.79 -41.42 -3.73
C GLU A 256 26.63 -40.43 -3.82
N TRP A 257 26.85 -39.21 -4.33
CA TRP A 257 25.79 -38.22 -4.36
C TRP A 257 25.81 -37.31 -5.60
N ARG A 258 26.78 -37.45 -6.50
CA ARG A 258 26.87 -36.55 -7.65
C ARG A 258 25.60 -36.62 -8.51
N HIS A 259 25.07 -37.83 -8.72
CA HIS A 259 23.91 -37.96 -9.60
C HIS A 259 22.71 -37.16 -9.10
N TYR A 260 22.66 -36.82 -7.82
CA TYR A 260 21.57 -36.01 -7.30
C TYR A 260 21.69 -34.54 -7.71
N LYS A 261 22.85 -34.12 -8.19
CA LYS A 261 23.10 -32.72 -8.53
C LYS A 261 23.12 -32.54 -10.05
N LYS A 262 22.43 -31.50 -10.51
CA LYS A 262 22.49 -31.13 -11.93
C LYS A 262 23.95 -30.88 -12.35
N PHE A 263 24.36 -31.54 -13.43
CA PHE A 263 25.76 -31.50 -13.87
C PHE A 263 26.08 -30.16 -14.55
N VAL A 264 27.20 -29.56 -14.16
CA VAL A 264 27.79 -28.41 -14.85
C VAL A 264 29.16 -28.85 -15.35
N ASP A 265 29.47 -28.54 -16.62
CA ASP A 265 30.74 -28.99 -17.14
C ASP A 265 31.87 -28.06 -16.68
N TYR A 266 33.10 -28.60 -16.71
N TYR A 266 33.09 -28.59 -16.74
CA TYR A 266 34.26 -27.92 -16.14
CA TYR A 266 34.24 -27.92 -16.12
C TYR A 266 34.46 -26.55 -16.77
C TYR A 266 34.49 -26.56 -16.76
N ASP A 267 34.35 -26.47 -18.09
CA ASP A 267 34.62 -25.22 -18.78
C ASP A 267 33.64 -24.12 -18.38
N THR A 268 32.37 -24.49 -18.19
CA THR A 268 31.41 -23.50 -17.73
C THR A 268 31.75 -23.00 -16.33
N VAL A 269 32.19 -23.90 -15.45
CA VAL A 269 32.56 -23.48 -14.11
C VAL A 269 33.69 -22.48 -14.16
N GLN A 270 34.76 -22.81 -14.89
CA GLN A 270 35.90 -21.91 -14.96
C GLN A 270 35.58 -20.65 -15.75
N GLU A 271 34.69 -20.73 -16.74
CA GLU A 271 34.31 -19.54 -17.48
C GLU A 271 33.61 -18.53 -16.56
N ILE A 272 32.66 -19.00 -15.74
CA ILE A 272 32.04 -18.12 -14.74
C ILE A 272 33.12 -17.48 -13.89
N LEU A 273 34.03 -18.29 -13.34
CA LEU A 273 35.09 -17.74 -12.51
C LEU A 273 35.98 -16.79 -13.31
N ASN A 274 36.34 -17.15 -14.54
CA ASN A 274 37.19 -16.27 -15.33
C ASN A 274 36.50 -14.94 -15.62
N ILE A 275 35.23 -14.98 -16.00
CA ILE A 275 34.48 -13.75 -16.23
C ILE A 275 34.41 -12.91 -14.98
N SER A 276 34.16 -13.55 -13.82
CA SER A 276 34.08 -12.77 -12.59
C SER A 276 35.44 -12.16 -12.26
N GLU A 277 36.53 -12.90 -12.44
CA GLU A 277 37.84 -12.37 -12.07
C GLU A 277 38.16 -11.11 -12.88
N LYS A 278 37.80 -11.09 -14.16
CA LYS A 278 38.07 -9.91 -14.97
C LYS A 278 37.21 -8.73 -14.53
N CYS A 279 35.94 -8.99 -14.24
CA CYS A 279 35.01 -8.01 -13.68
C CYS A 279 35.58 -7.40 -12.39
N LEU A 280 35.96 -8.27 -11.45
CA LEU A 280 36.42 -7.82 -10.14
C LEU A 280 37.73 -7.07 -10.25
N GLU A 281 38.61 -7.50 -11.16
CA GLU A 281 39.82 -6.74 -11.42
C GLU A 281 39.48 -5.34 -11.92
N LYS A 282 38.49 -5.23 -12.80
CA LYS A 282 38.07 -3.91 -13.26
C LYS A 282 37.41 -3.13 -12.13
N VAL A 283 36.63 -3.80 -11.27
CA VAL A 283 36.03 -3.11 -10.13
C VAL A 283 37.11 -2.56 -9.21
N ILE A 284 38.16 -3.35 -8.97
CA ILE A 284 39.23 -2.89 -8.07
C ILE A 284 39.90 -1.66 -8.65
N LYS A 285 40.14 -1.65 -9.96
CA LYS A 285 40.76 -0.51 -10.59
C LYS A 285 39.80 0.68 -10.69
N ASP A 286 38.56 0.42 -11.11
CA ASP A 286 37.60 1.51 -11.30
C ASP A 286 37.41 2.34 -10.05
N PHE A 287 37.44 1.71 -8.88
CA PHE A 287 37.15 2.38 -7.63
C PHE A 287 38.37 2.46 -6.71
N GLY A 288 39.52 2.00 -7.17
CA GLY A 288 40.75 2.08 -6.39
C GLY A 288 40.68 1.36 -5.06
N LEU A 289 40.06 0.18 -5.04
CA LEU A 289 39.87 -0.54 -3.79
C LEU A 289 41.17 -1.17 -3.30
N CYS A 290 41.32 -1.22 -1.98
CA CYS A 290 42.39 -2.01 -1.37
C CYS A 290 41.75 -3.36 -1.04
N ALA A 291 41.77 -4.25 -2.04
CA ALA A 291 41.07 -5.52 -1.90
C ALA A 291 41.76 -6.55 -2.76
N GLN A 292 41.53 -7.82 -2.43
CA GLN A 292 42.17 -8.92 -3.09
C GLN A 292 41.14 -9.92 -3.57
N ILE A 293 41.51 -10.65 -4.61
CA ILE A 293 40.63 -11.62 -5.25
C ILE A 293 41.03 -13.01 -4.79
N GLN A 294 40.10 -13.71 -4.19
CA GLN A 294 40.32 -15.05 -3.66
C GLN A 294 39.52 -16.01 -4.52
N ARG A 295 40.23 -16.73 -5.39
CA ARG A 295 39.63 -17.70 -6.30
C ARG A 295 39.77 -19.09 -5.69
N LYS A 296 38.72 -19.88 -5.76
CA LYS A 296 38.75 -21.27 -5.35
C LYS A 296 38.53 -22.18 -6.56
N GLU A 297 38.44 -23.48 -6.30
CA GLU A 297 38.10 -24.42 -7.36
C GLU A 297 36.78 -24.06 -8.04
N LYS A 298 35.75 -23.71 -7.27
CA LYS A 298 34.43 -23.43 -7.86
C LYS A 298 33.83 -22.13 -7.37
N SER A 299 34.65 -21.20 -6.87
CA SER A 299 34.16 -19.93 -6.34
C SER A 299 35.27 -18.88 -6.46
N ILE A 300 34.85 -17.62 -6.42
CA ILE A 300 35.79 -16.51 -6.46
C ILE A 300 35.21 -15.37 -5.63
N GLY A 301 36.08 -14.64 -4.95
CA GLY A 301 35.64 -13.69 -3.95
C GLY A 301 36.42 -12.39 -3.97
N LEU A 302 35.69 -11.31 -3.66
CA LEU A 302 36.25 -9.98 -3.48
C LEU A 302 36.34 -9.72 -1.99
N VAL A 303 37.56 -9.71 -1.47
CA VAL A 303 37.79 -9.65 -0.03
C VAL A 303 38.61 -8.40 0.31
N PRO A 304 38.25 -7.65 1.35
CA PRO A 304 39.07 -6.49 1.74
C PRO A 304 40.37 -6.90 2.40
N ASN A 305 41.37 -6.03 2.26
CA ASN A 305 42.67 -6.24 2.88
C ASN A 305 42.57 -6.05 4.40
N LYS A 306 43.44 -6.76 5.11
CA LYS A 306 43.57 -6.56 6.55
C LYS A 306 44.45 -5.35 6.81
N ILE A 307 43.99 -4.47 7.70
CA ILE A 307 44.74 -3.28 8.10
C ILE A 307 44.10 -2.64 9.31
N ASN A 318 40.99 -4.13 9.22
CA ASN A 318 40.26 -4.52 8.01
C ASN A 318 39.76 -3.32 7.21
N TYR A 319 40.39 -3.03 6.07
CA TYR A 319 39.85 -2.06 5.13
C TYR A 319 38.41 -2.44 4.79
N MET A 320 37.58 -1.44 4.49
CA MET A 320 36.17 -1.72 4.19
C MET A 320 35.80 -1.18 2.82
N ILE A 321 35.26 -2.05 1.97
CA ILE A 321 34.78 -1.69 0.64
C ILE A 321 33.41 -1.05 0.73
N LYS A 322 33.23 0.05 0.00
CA LYS A 322 31.94 0.71 -0.09
C LYS A 322 30.83 -0.30 -0.42
N TYR A 323 29.77 -0.27 0.37
CA TYR A 323 28.67 -1.19 0.17
C TYR A 323 28.10 -1.11 -1.24
N GLU A 324 27.95 0.12 -1.77
CA GLU A 324 27.40 0.30 -3.10
C GLU A 324 28.34 -0.21 -4.18
N VAL A 325 29.64 -0.23 -3.91
CA VAL A 325 30.57 -0.80 -4.87
C VAL A 325 30.40 -2.32 -4.93
N LEU A 326 30.11 -2.94 -3.79
CA LEU A 326 29.83 -4.37 -3.78
C LEU A 326 28.55 -4.68 -4.55
N GLU A 327 27.49 -3.88 -4.34
CA GLU A 327 26.28 -4.05 -5.12
C GLU A 327 26.54 -3.87 -6.60
N GLU A 328 27.29 -2.82 -6.95
CA GLU A 328 27.63 -2.56 -8.34
C GLU A 328 28.37 -3.74 -8.95
N ALA A 329 29.25 -4.38 -8.19
CA ALA A 329 30.03 -5.46 -8.77
C ALA A 329 29.18 -6.70 -8.98
N VAL A 330 28.24 -6.99 -8.07
CA VAL A 330 27.39 -8.17 -8.25
C VAL A 330 26.59 -8.06 -9.55
N ILE A 331 26.07 -6.87 -9.85
CA ILE A 331 25.30 -6.75 -11.08
C ILE A 331 26.19 -6.80 -12.31
N ARG A 332 27.36 -6.13 -12.27
CA ARG A 332 28.31 -6.22 -13.37
C ARG A 332 28.61 -7.67 -13.72
N ILE A 333 28.77 -8.51 -12.70
CA ILE A 333 29.08 -9.92 -12.91
C ILE A 333 27.90 -10.63 -13.56
N LYS A 334 26.69 -10.44 -13.01
CA LYS A 334 25.51 -11.08 -13.58
C LYS A 334 25.30 -10.64 -15.02
N LYS A 335 25.57 -9.37 -15.32
CA LYS A 335 25.41 -8.89 -16.68
C LYS A 335 26.39 -9.58 -17.64
N GLU A 336 27.67 -9.61 -17.29
CA GLU A 336 28.64 -10.26 -18.16
C GLU A 336 28.39 -11.75 -18.29
N ILE A 337 27.91 -12.40 -17.23
CA ILE A 337 27.55 -13.81 -17.33
C ILE A 337 26.36 -13.99 -18.26
N ILE A 338 25.35 -13.13 -18.14
CA ILE A 338 24.25 -13.09 -19.11
C ILE A 338 24.79 -12.88 -20.51
N LYS A 339 25.71 -11.93 -20.67
CA LYS A 339 26.22 -11.56 -21.99
C LYS A 339 26.90 -12.75 -22.65
N ASN A 340 27.42 -13.69 -21.86
CA ASN A 340 28.05 -14.88 -22.38
C ASN A 340 27.08 -16.06 -22.46
N LYS A 341 25.80 -15.82 -22.20
CA LYS A 341 24.74 -16.82 -22.40
C LYS A 341 25.00 -18.09 -21.58
N ILE A 342 25.22 -17.89 -20.28
CA ILE A 342 25.50 -18.97 -19.35
C ILE A 342 24.27 -19.18 -18.48
N THR A 343 23.73 -20.39 -18.53
CA THR A 343 22.52 -20.75 -17.80
C THR A 343 22.77 -21.65 -16.59
N ALA A 344 24.03 -21.96 -16.28
CA ALA A 344 24.32 -22.81 -15.13
C ALA A 344 23.92 -22.12 -13.84
N PRO A 345 23.32 -22.85 -12.89
CA PRO A 345 22.99 -22.24 -11.60
C PRO A 345 24.26 -21.83 -10.86
N TYR A 346 24.35 -20.55 -10.55
CA TYR A 346 25.40 -20.00 -9.71
C TYR A 346 24.76 -18.98 -8.78
N CYS A 347 25.57 -18.40 -7.90
CA CYS A 347 25.05 -17.37 -7.01
C CYS A 347 26.15 -16.35 -6.79
N ALA A 348 25.85 -15.11 -7.17
CA ALA A 348 26.75 -13.97 -6.97
C ALA A 348 26.07 -13.02 -5.99
N PHE A 349 26.58 -12.96 -4.76
CA PHE A 349 25.88 -12.22 -3.72
C PHE A 349 26.83 -11.24 -3.03
N ASN A 350 26.24 -10.14 -2.59
CA ASN A 350 26.94 -9.13 -1.81
C ASN A 350 26.74 -9.50 -0.35
N GLY A 351 27.73 -10.18 0.24
CA GLY A 351 27.80 -10.26 1.68
C GLY A 351 27.93 -8.87 2.28
N GLY A 352 27.92 -8.80 3.60
CA GLY A 352 28.03 -7.49 4.23
C GLY A 352 29.25 -6.72 3.77
N GLN A 353 30.41 -7.37 3.79
CA GLN A 353 31.69 -6.69 3.65
C GLN A 353 32.59 -7.31 2.61
N ASP A 354 32.14 -8.35 1.91
CA ASP A 354 32.89 -8.96 0.82
C ASP A 354 31.90 -9.37 -0.28
N LEU A 355 32.43 -9.97 -1.35
CA LEU A 355 31.63 -10.41 -2.48
C LEU A 355 32.04 -11.84 -2.84
N TRP A 356 31.06 -12.66 -3.23
CA TRP A 356 31.37 -14.03 -3.59
C TRP A 356 30.54 -14.47 -4.78
N VAL A 357 31.17 -15.23 -5.66
CA VAL A 357 30.52 -15.86 -6.80
C VAL A 357 30.78 -17.35 -6.65
N ASP A 358 29.78 -18.10 -6.20
CA ASP A 358 29.91 -19.55 -6.07
C ASP A 358 29.21 -20.20 -7.25
N VAL A 359 29.90 -21.10 -7.94
CA VAL A 359 29.22 -21.91 -8.93
C VAL A 359 28.49 -23.02 -8.18
N GLY A 360 27.39 -22.65 -7.56
CA GLY A 360 26.57 -23.52 -6.73
C GLY A 360 25.37 -22.73 -6.31
N ASN A 361 24.55 -23.35 -5.48
CA ASN A 361 23.29 -22.73 -5.07
C ASN A 361 22.74 -23.47 -3.86
N LYS A 362 22.43 -22.73 -2.81
CA LYS A 362 21.99 -23.36 -1.56
C LYS A 362 20.66 -24.06 -1.70
N ALA A 363 19.79 -23.61 -2.62
CA ALA A 363 18.54 -24.32 -2.84
C ALA A 363 18.79 -25.68 -3.45
N GLU A 364 19.70 -25.75 -4.41
CA GLU A 364 20.05 -27.06 -4.98
C GLU A 364 20.68 -27.94 -3.92
N GLY A 365 21.46 -27.34 -3.02
CA GLY A 365 22.05 -28.12 -1.93
C GLY A 365 21.02 -28.84 -1.10
N LEU A 366 19.94 -28.15 -0.73
CA LEU A 366 18.91 -28.79 0.08
C LEU A 366 18.23 -29.92 -0.68
N LEU A 367 17.93 -29.71 -1.97
CA LEU A 367 17.35 -30.79 -2.76
C LEU A 367 18.29 -31.99 -2.82
N ILE A 368 19.61 -31.74 -2.87
CA ILE A 368 20.56 -32.84 -2.85
C ILE A 368 20.47 -33.59 -1.54
N LEU A 369 20.40 -32.86 -0.42
CA LEU A 369 20.27 -33.52 0.88
C LEU A 369 18.95 -34.27 0.99
N GLN A 370 17.87 -33.70 0.43
CA GLN A 370 16.58 -34.37 0.47
C GLN A 370 16.62 -35.69 -0.29
N LYS A 371 17.05 -35.66 -1.55
CA LYS A 371 17.09 -36.89 -2.33
C LYS A 371 18.05 -37.90 -1.72
N LEU A 372 19.22 -37.44 -1.27
CA LEU A 372 20.23 -38.37 -0.75
C LEU A 372 19.73 -39.10 0.49
N LEU A 373 19.11 -38.38 1.41
CA LEU A 373 18.54 -38.98 2.61
C LEU A 373 17.12 -39.51 2.39
N LYS A 374 16.61 -39.38 1.17
CA LYS A 374 15.29 -39.92 0.81
C LYS A 374 14.22 -39.47 1.80
N ILE A 375 14.15 -38.15 2.02
CA ILE A 375 13.22 -37.55 2.98
C ILE A 375 12.16 -36.77 2.20
N GLN A 376 10.91 -36.93 2.62
CA GLN A 376 9.82 -36.19 1.99
C GLN A 376 9.78 -34.75 2.49
N LYS A 377 9.36 -33.84 1.60
CA LYS A 377 9.44 -32.42 1.90
C LYS A 377 8.52 -32.04 3.06
N LYS A 378 7.44 -32.78 3.28
CA LYS A 378 6.61 -32.56 4.46
C LYS A 378 7.36 -32.80 5.76
N LYS A 379 8.48 -33.52 5.72
CA LYS A 379 9.24 -33.86 6.92
C LYS A 379 10.57 -33.10 6.99
N CYS A 380 10.73 -32.07 6.17
CA CYS A 380 11.89 -31.18 6.19
C CYS A 380 11.54 -29.81 6.75
N CYS A 381 12.50 -29.22 7.46
CA CYS A 381 12.33 -27.83 7.91
C CYS A 381 13.68 -27.13 7.81
N HIS A 382 13.68 -25.92 7.27
CA HIS A 382 14.90 -25.13 7.10
C HIS A 382 14.86 -23.92 8.02
N ILE A 383 16.00 -23.63 8.66
CA ILE A 383 16.19 -22.43 9.45
C ILE A 383 17.14 -21.51 8.69
N GLY A 384 16.66 -20.31 8.36
CA GLY A 384 17.49 -19.30 7.73
C GLY A 384 17.05 -17.92 8.17
N ASP A 385 17.70 -16.92 7.57
CA ASP A 385 17.40 -15.51 7.82
C ASP A 385 17.16 -14.85 6.47
N GLN A 386 15.90 -14.66 6.11
CA GLN A 386 15.56 -14.02 4.85
C GLN A 386 15.95 -12.54 4.81
N PHE A 387 16.44 -11.96 5.90
CA PHE A 387 17.03 -10.62 5.77
C PHE A 387 18.37 -10.64 5.05
N LEU A 388 19.02 -11.80 4.95
CA LEU A 388 20.41 -11.87 4.51
C LEU A 388 20.59 -12.58 3.19
N HIS A 389 19.54 -12.69 2.37
CA HIS A 389 19.66 -13.32 1.06
C HIS A 389 18.51 -12.86 0.17
N SER A 390 18.73 -13.00 -1.14
CA SER A 390 17.75 -12.67 -2.18
C SER A 390 16.90 -13.88 -2.53
N GLY A 391 15.58 -13.67 -2.59
CA GLY A 391 14.67 -14.72 -2.99
C GLY A 391 14.90 -15.26 -4.39
N ASN A 392 15.59 -14.49 -5.24
CA ASN A 392 15.96 -15.00 -6.56
C ASN A 392 17.04 -16.07 -6.48
N ASP A 393 17.84 -16.06 -5.41
CA ASP A 393 18.84 -17.09 -5.17
C ASP A 393 18.26 -18.25 -4.37
N PHE A 394 17.49 -17.95 -3.32
CA PHE A 394 16.88 -18.95 -2.45
C PHE A 394 15.38 -18.63 -2.39
N PRO A 395 14.57 -19.28 -3.22
CA PRO A 395 13.15 -18.95 -3.27
C PRO A 395 12.44 -19.32 -1.97
N THR A 396 11.50 -18.45 -1.56
CA THR A 396 10.74 -18.68 -0.36
C THR A 396 9.86 -19.91 -0.51
N ARG A 397 9.96 -20.83 0.47
CA ARG A 397 9.10 -22.02 0.53
C ARG A 397 9.22 -22.85 -0.74
N PHE A 398 10.44 -22.97 -1.26
CA PHE A 398 10.64 -23.74 -2.48
C PHE A 398 10.73 -25.23 -2.19
N CYS A 399 11.51 -25.61 -1.18
CA CYS A 399 11.90 -26.99 -0.99
C CYS A 399 11.39 -27.61 0.31
N SER A 400 11.01 -26.81 1.29
CA SER A 400 10.55 -27.32 2.57
C SER A 400 9.77 -26.23 3.29
N LEU A 401 9.27 -26.55 4.48
CA LEU A 401 8.94 -25.49 5.43
C LEU A 401 10.20 -24.69 5.72
N THR A 402 10.03 -23.39 5.98
CA THR A 402 11.17 -22.53 6.28
C THR A 402 10.80 -21.59 7.41
N LEU A 403 11.56 -21.64 8.50
CA LEU A 403 11.43 -20.70 9.59
C LEU A 403 12.33 -19.50 9.32
N TRP A 404 11.85 -18.31 9.63
CA TRP A 404 12.65 -17.10 9.47
C TRP A 404 13.06 -16.64 10.86
N VAL A 405 14.36 -16.70 11.13
CA VAL A 405 14.92 -16.23 12.41
C VAL A 405 15.87 -15.09 12.11
N SER A 406 16.02 -14.20 13.09
CA SER A 406 16.85 -13.01 12.91
C SER A 406 17.86 -12.78 14.03
N ASN A 407 17.94 -13.68 15.01
CA ASN A 407 18.95 -13.61 16.05
C ASN A 407 19.04 -14.97 16.74
N PRO A 408 20.17 -15.29 17.37
CA PRO A 408 20.29 -16.60 18.04
C PRO A 408 19.21 -16.85 19.07
N GLN A 409 18.63 -15.79 19.66
CA GLN A 409 17.59 -16.01 20.66
C GLN A 409 16.34 -16.62 20.03
N GLU A 410 15.92 -16.10 18.87
CA GLU A 410 14.80 -16.70 18.14
C GLU A 410 15.11 -18.12 17.71
N THR A 411 16.34 -18.36 17.24
CA THR A 411 16.72 -19.70 16.81
C THR A 411 16.61 -20.69 17.96
N LYS A 412 17.09 -20.31 19.14
CA LYS A 412 16.99 -21.22 20.28
C LYS A 412 15.53 -21.49 20.62
N ALA A 413 14.67 -20.47 20.57
CA ALA A 413 13.25 -20.66 20.89
C ALA A 413 12.60 -21.66 19.94
N CYS A 414 12.84 -21.49 18.63
CA CYS A 414 12.33 -22.42 17.63
C CYS A 414 12.79 -23.86 17.91
N LEU A 415 14.10 -24.06 18.05
CA LEU A 415 14.63 -25.40 18.27
C LEU A 415 14.07 -25.99 19.56
N LYS A 416 13.96 -25.17 20.61
CA LYS A 416 13.31 -25.64 21.83
C LYS A 416 11.90 -26.13 21.54
N SER A 417 11.15 -25.38 20.73
CA SER A 417 9.78 -25.80 20.39
C SER A 417 9.77 -27.04 19.53
N ILE A 418 10.72 -27.16 18.60
CA ILE A 418 10.78 -28.35 17.77
C ILE A 418 11.09 -29.57 18.63
N MET A 419 11.92 -29.39 19.66
CA MET A 419 12.29 -30.51 20.50
C MET A 419 11.14 -30.95 21.40
N HIS A 420 10.23 -30.02 21.72
CA HIS A 420 8.99 -30.33 22.42
C HIS A 420 7.84 -30.50 21.43
N LEU A 421 8.12 -31.02 20.24
CA LEU A 421 7.11 -31.11 19.19
C LEU A 421 6.05 -32.13 19.55
N ASN A 422 4.79 -31.77 19.30
CA ASN A 422 3.63 -32.63 19.53
C ASN A 422 3.50 -33.08 20.98
N ILE A 423 4.09 -32.33 21.91
CA ILE A 423 3.81 -32.49 23.32
C ILE A 423 2.59 -31.65 23.67
N LYS A 424 1.67 -32.24 24.43
CA LYS A 424 0.41 -31.55 24.72
C LYS A 424 0.64 -30.31 25.58
N SER A 425 1.52 -30.42 26.59
CA SER A 425 1.69 -29.38 27.60
C SER A 425 2.70 -28.32 27.20
N PHE A 426 2.91 -28.10 25.90
CA PHE A 426 3.91 -27.14 25.43
C PHE A 426 3.29 -26.22 24.39
N ILE A 427 3.17 -24.94 24.73
CA ILE A 427 2.78 -23.90 23.79
C ILE A 427 4.04 -23.41 23.07
N PRO A 428 4.13 -23.56 21.75
CA PRO A 428 5.38 -23.24 21.05
C PRO A 428 5.79 -21.78 21.21
N GLU A 429 7.09 -21.53 21.02
CA GLU A 429 7.66 -20.20 21.17
C GLU A 429 8.71 -19.98 20.10
N VAL A 430 8.68 -18.81 19.46
CA VAL A 430 9.64 -18.47 18.42
C VAL A 430 10.38 -17.17 18.66
N LEU A 431 10.10 -16.47 19.77
CA LEU A 431 10.70 -15.18 20.04
C LEU A 431 11.72 -15.19 21.17
N TYR A 432 11.36 -15.76 22.33
CA TYR A 432 12.21 -15.73 23.50
C TYR A 432 12.47 -17.14 24.01
N GLU A 433 13.69 -17.36 24.51
CA GLU A 433 14.06 -18.67 25.05
C GLU A 433 13.79 -18.77 26.54
N ASN A 434 14.14 -17.74 27.31
CA ASN A 434 13.97 -17.78 28.75
C ASN A 434 12.54 -17.46 29.17
N GLN A 435 12.08 -16.26 28.85
CA GLN A 435 10.71 -15.84 29.17
C GLN A 435 9.70 -16.45 28.21
N LYS B 1 -6.96 11.20 -2.40
CA LYS B 1 -7.94 12.20 -2.83
C LYS B 1 -8.69 12.80 -1.64
N ASP B 2 -9.77 12.15 -1.23
CA ASP B 2 -10.59 12.62 -0.12
C ASP B 2 -10.33 11.86 1.17
N SER B 3 -9.25 11.07 1.22
CA SER B 3 -8.66 10.62 2.47
C SER B 3 -9.53 9.66 3.28
N LEU B 4 -10.77 10.04 3.60
CA LEU B 4 -11.60 9.01 4.20
C LEU B 4 -12.13 8.03 3.15
N ILE B 5 -12.30 8.45 1.89
CA ILE B 5 -12.56 7.48 0.83
C ILE B 5 -11.44 6.45 0.78
N MET B 6 -10.20 6.92 0.64
CA MET B 6 -9.05 6.02 0.63
C MET B 6 -8.97 5.20 1.90
N PHE B 7 -9.51 5.72 3.01
CA PHE B 7 -9.48 4.99 4.27
C PHE B 7 -10.32 3.73 4.18
N LEU B 8 -11.50 3.82 3.54
CA LEU B 8 -12.34 2.63 3.44
C LEU B 8 -12.03 1.77 2.23
N VAL B 9 -11.55 2.37 1.14
CA VAL B 9 -11.11 1.56 0.02
C VAL B 9 -10.04 0.59 0.47
N GLU B 10 -9.02 1.09 1.18
CA GLU B 10 -7.94 0.21 1.59
C GLU B 10 -8.44 -0.90 2.51
N ILE B 11 -9.38 -0.58 3.41
CA ILE B 11 -9.92 -1.59 4.31
C ILE B 11 -10.70 -2.65 3.54
N PHE B 12 -11.54 -2.22 2.59
CA PHE B 12 -12.28 -3.18 1.78
C PHE B 12 -11.34 -4.04 0.94
N ARG B 13 -10.19 -3.49 0.55
CA ARG B 13 -9.20 -4.28 -0.19
C ARG B 13 -8.67 -5.42 0.67
N SER B 14 -8.27 -5.14 1.90
CA SER B 14 -7.83 -6.21 2.79
C SER B 14 -8.93 -7.24 3.00
N LEU B 15 -10.17 -6.78 3.22
CA LEU B 15 -11.28 -7.73 3.36
C LEU B 15 -11.44 -8.56 2.10
N PHE B 16 -11.33 -7.92 0.93
CA PHE B 16 -11.37 -8.64 -0.35
C PHE B 16 -10.29 -9.70 -0.42
N VAL B 17 -9.02 -9.30 -0.30
CA VAL B 17 -7.93 -10.24 -0.54
C VAL B 17 -7.86 -11.32 0.53
N SER B 18 -8.36 -11.05 1.74
CA SER B 18 -8.47 -12.11 2.74
C SER B 18 -9.61 -13.09 2.46
N ASN B 19 -10.39 -12.85 1.40
CA ASN B 19 -11.41 -13.78 0.91
C ASN B 19 -12.68 -13.81 1.76
N CYS B 20 -12.92 -12.79 2.58
CA CYS B 20 -14.07 -12.78 3.48
C CYS B 20 -15.04 -11.63 3.20
N ILE B 21 -14.82 -10.83 2.16
CA ILE B 21 -15.65 -9.65 1.96
C ILE B 21 -17.08 -10.02 1.59
N ASP B 22 -17.33 -11.26 1.21
CA ASP B 22 -18.67 -11.73 0.90
C ASP B 22 -19.32 -12.46 2.07
N LYS B 23 -18.62 -12.59 3.18
CA LYS B 23 -19.19 -13.22 4.35
C LYS B 23 -19.68 -12.12 5.30
N ASN B 24 -19.94 -12.47 6.56
CA ASN B 24 -20.43 -11.49 7.49
C ASN B 24 -19.27 -10.65 7.99
N ILE B 25 -19.19 -9.42 7.50
CA ILE B 25 -18.15 -8.48 7.92
C ILE B 25 -18.74 -7.40 8.82
N ASP B 26 -19.86 -7.67 9.48
CA ASP B 26 -20.49 -6.65 10.31
C ASP B 26 -19.63 -6.29 11.51
N ASN B 27 -18.70 -7.15 11.91
CA ASN B 27 -17.80 -6.80 13.01
C ASN B 27 -16.87 -5.66 12.62
N VAL B 28 -16.50 -5.57 11.36
CA VAL B 28 -15.65 -4.47 10.89
C VAL B 28 -16.49 -3.24 10.57
N LEU B 29 -17.59 -3.43 9.83
CA LEU B 29 -18.43 -2.30 9.46
C LEU B 29 -18.97 -1.58 10.69
N LEU B 30 -19.49 -2.33 11.66
CA LEU B 30 -20.00 -1.71 12.88
C LEU B 30 -18.87 -1.11 13.72
N SER B 31 -17.66 -1.66 13.60
CA SER B 31 -16.54 -1.08 14.34
C SER B 31 -16.12 0.25 13.73
N ILE B 32 -16.22 0.39 12.41
CA ILE B 32 -16.04 1.70 11.80
C ILE B 32 -17.23 2.60 12.11
N GLU B 33 -18.45 2.04 12.14
CA GLU B 33 -19.63 2.87 12.32
C GLU B 33 -19.61 3.55 13.67
N GLU B 34 -19.20 2.84 14.71
CA GLU B 34 -19.10 3.45 16.03
C GLU B 34 -17.93 4.41 16.10
N MET B 35 -16.82 4.12 15.41
CA MET B 35 -15.82 5.16 15.22
C MET B 35 -16.44 6.40 14.59
N PHE B 36 -17.28 6.22 13.57
CA PHE B 36 -17.96 7.35 12.94
C PHE B 36 -18.86 8.06 13.93
N ILE B 37 -19.63 7.29 14.71
CA ILE B 37 -20.60 7.90 15.61
C ILE B 37 -19.88 8.58 16.77
N ASP B 38 -18.79 7.98 17.25
CA ASP B 38 -17.97 8.69 18.23
C ASP B 38 -17.28 9.91 17.65
N HIS B 39 -17.38 10.11 16.34
CA HIS B 39 -16.91 11.34 15.73
C HIS B 39 -18.01 12.39 15.59
N TYR B 40 -19.27 11.95 15.41
CA TYR B 40 -20.43 12.82 15.49
C TYR B 40 -20.36 13.55 16.82
N TYR B 41 -20.38 12.80 17.91
CA TYR B 41 -20.03 13.31 19.23
C TYR B 41 -18.51 13.46 19.34
N ASN B 42 -18.07 14.16 20.37
CA ASN B 42 -16.69 14.59 20.63
C ASN B 42 -15.81 14.50 19.39
N PRO B 43 -16.05 15.33 18.36
CA PRO B 43 -15.25 15.25 17.14
C PRO B 43 -13.84 15.78 17.30
N GLN B 44 -13.56 16.53 18.36
CA GLN B 44 -12.21 17.06 18.56
C GLN B 44 -11.24 16.01 19.05
N HIS B 45 -11.73 14.92 19.64
CA HIS B 45 -10.88 13.95 20.31
C HIS B 45 -11.30 12.53 19.95
N SER B 46 -11.66 12.32 18.69
CA SER B 46 -12.00 10.97 18.23
C SER B 46 -10.74 10.19 17.91
N ARG B 47 -10.85 8.88 18.01
CA ARG B 47 -9.82 8.02 17.41
C ARG B 47 -9.75 8.24 15.91
N LEU B 48 -10.90 8.50 15.28
CA LEU B 48 -10.91 8.78 13.85
C LEU B 48 -9.99 9.95 13.52
N LYS B 49 -10.17 11.08 14.20
CA LYS B 49 -9.33 12.25 13.96
C LYS B 49 -7.85 11.95 14.17
N TYR B 50 -7.51 10.95 14.98
CA TYR B 50 -6.12 10.53 15.11
C TYR B 50 -5.65 9.82 13.85
N LEU B 51 -6.45 8.87 13.35
CA LEU B 51 -6.05 8.07 12.20
C LEU B 51 -5.96 8.93 10.93
N ILE B 52 -7.06 9.55 10.56
CA ILE B 52 -7.08 10.48 9.45
C ILE B 52 -6.97 11.88 10.02
N ASP B 53 -6.11 12.70 9.43
CA ASP B 53 -5.97 14.04 9.97
C ASP B 53 -7.01 14.99 9.39
N ASP B 54 -7.16 15.02 8.06
CA ASP B 54 -8.09 15.93 7.40
C ASP B 54 -9.51 15.37 7.30
N VAL B 55 -10.02 14.75 8.36
CA VAL B 55 -11.39 14.23 8.31
C VAL B 55 -12.38 15.37 8.21
N GLY B 56 -12.03 16.53 8.74
CA GLY B 56 -13.02 17.57 8.94
C GLY B 56 -13.89 17.22 10.12
N ILE B 57 -15.15 17.62 10.03
CA ILE B 57 -16.11 17.44 11.11
C ILE B 57 -17.37 16.83 10.51
N PHE B 58 -17.93 15.86 11.22
CA PHE B 58 -19.19 15.24 10.80
C PHE B 58 -20.34 15.97 11.47
N PHE B 59 -21.35 16.33 10.69
CA PHE B 59 -22.55 16.96 11.21
C PHE B 59 -23.65 15.97 11.53
N THR B 60 -23.37 14.67 11.45
CA THR B 60 -24.46 13.71 11.50
C THR B 60 -23.92 12.35 11.95
N LYS B 61 -24.84 11.47 12.29
CA LYS B 61 -24.52 10.07 12.60
C LYS B 61 -24.56 9.28 11.30
N LEU B 62 -23.39 8.79 10.86
CA LEU B 62 -23.27 8.16 9.54
C LEU B 62 -23.54 6.67 9.65
N PRO B 63 -24.66 6.17 9.15
CA PRO B 63 -24.92 4.73 9.25
C PRO B 63 -24.19 3.96 8.16
N ILE B 64 -22.86 3.85 8.33
CA ILE B 64 -22.04 3.30 7.26
C ILE B 64 -22.33 1.82 7.04
N THR B 65 -22.73 1.10 8.08
CA THR B 65 -23.04 -0.31 7.93
C THR B 65 -24.29 -0.51 7.10
N LYS B 66 -25.38 0.19 7.45
CA LYS B 66 -26.61 0.08 6.65
C LYS B 66 -26.35 0.50 5.21
N ALA B 67 -25.51 1.50 5.00
CA ALA B 67 -25.22 1.97 3.64
C ALA B 67 -24.52 0.87 2.84
N PHE B 68 -23.48 0.26 3.41
CA PHE B 68 -22.81 -0.82 2.71
C PHE B 68 -23.77 -1.94 2.35
N HIS B 69 -24.59 -2.36 3.33
CA HIS B 69 -25.58 -3.40 3.08
C HIS B 69 -26.52 -3.01 1.94
N THR B 70 -27.04 -1.77 1.97
CA THR B 70 -28.00 -1.36 0.95
C THR B 70 -27.36 -1.32 -0.43
N TYR B 71 -26.13 -0.80 -0.52
CA TYR B 71 -25.46 -0.73 -1.80
C TYR B 71 -25.02 -2.12 -2.27
N ASN B 72 -24.55 -2.95 -1.34
CA ASN B 72 -24.15 -4.31 -1.71
C ASN B 72 -25.34 -5.15 -2.09
N LYS B 73 -26.52 -4.89 -1.51
CA LYS B 73 -27.68 -5.68 -1.87
C LYS B 73 -28.09 -5.40 -3.31
N LYS B 74 -27.90 -4.17 -3.78
CA LYS B 74 -28.34 -3.78 -5.11
C LYS B 74 -27.33 -4.13 -6.19
N TYR B 75 -26.05 -3.86 -5.96
CA TYR B 75 -25.03 -4.05 -6.98
C TYR B 75 -24.18 -5.29 -6.77
N ARG B 76 -24.11 -5.82 -5.55
CA ARG B 76 -23.45 -7.09 -5.28
C ARG B 76 -21.95 -7.02 -5.58
N ILE B 77 -21.29 -5.99 -5.04
CA ILE B 77 -19.88 -5.82 -5.33
C ILE B 77 -19.05 -6.88 -4.63
N THR B 78 -19.55 -7.42 -3.51
CA THR B 78 -18.84 -8.49 -2.82
C THR B 78 -18.97 -9.84 -3.52
N LYS B 79 -19.72 -9.91 -4.61
CA LYS B 79 -19.81 -11.11 -5.44
C LYS B 79 -18.74 -11.16 -6.53
N ARG B 80 -17.92 -10.13 -6.67
CA ARG B 80 -16.84 -10.13 -7.64
C ARG B 80 -15.62 -10.84 -7.06
N LEU B 81 -15.00 -11.72 -7.86
CA LEU B 81 -13.83 -12.46 -7.42
C LEU B 81 -12.51 -11.76 -7.74
N TYR B 82 -12.51 -10.77 -8.64
CA TYR B 82 -11.27 -10.18 -9.13
C TYR B 82 -11.26 -8.67 -9.17
N ALA B 83 -12.41 -8.01 -9.08
CA ALA B 83 -12.52 -6.55 -9.10
C ALA B 83 -12.96 -6.07 -7.72
N PRO B 84 -12.03 -5.79 -6.81
CA PRO B 84 -12.42 -5.35 -5.44
C PRO B 84 -13.16 -4.02 -5.49
N PRO B 85 -13.75 -3.58 -4.37
CA PRO B 85 -14.47 -2.29 -4.38
C PRO B 85 -13.56 -1.14 -4.74
N THR B 86 -14.09 -0.20 -5.51
CA THR B 86 -13.30 0.88 -6.09
C THR B 86 -13.49 2.20 -5.35
N PHE B 87 -12.69 3.19 -5.74
CA PHE B 87 -12.82 4.53 -5.20
C PHE B 87 -14.23 5.08 -5.43
N ASN B 88 -14.77 4.87 -6.63
CA ASN B 88 -16.08 5.44 -6.95
C ASN B 88 -17.20 4.74 -6.17
N GLU B 89 -17.08 3.43 -5.96
CA GLU B 89 -18.09 2.72 -5.20
C GLU B 89 -18.11 3.21 -3.76
N VAL B 90 -16.93 3.32 -3.13
CA VAL B 90 -16.88 3.87 -1.77
C VAL B 90 -17.42 5.30 -1.76
N ARG B 91 -17.11 6.08 -2.80
CA ARG B 91 -17.71 7.39 -2.93
C ARG B 91 -19.24 7.30 -2.87
N HIS B 92 -19.83 6.34 -3.59
CA HIS B 92 -21.28 6.13 -3.52
C HIS B 92 -21.72 5.75 -2.10
N ILE B 93 -21.01 4.81 -1.46
CA ILE B 93 -21.40 4.34 -0.14
C ILE B 93 -21.51 5.49 0.84
N LEU B 94 -20.49 6.36 0.86
CA LEU B 94 -20.54 7.51 1.76
C LEU B 94 -21.65 8.46 1.38
N ASN B 95 -21.83 8.72 0.07
CA ASN B 95 -22.97 9.49 -0.39
C ASN B 95 -24.25 8.92 0.17
N LEU B 96 -24.43 7.60 0.05
CA LEU B 96 -25.62 7.00 0.61
C LEU B 96 -25.64 7.09 2.13
N ALA B 97 -24.49 6.93 2.79
CA ALA B 97 -24.49 7.05 4.25
C ALA B 97 -24.95 8.43 4.70
N GLN B 98 -24.51 9.48 4.01
CA GLN B 98 -24.88 10.83 4.41
C GLN B 98 -26.36 11.09 4.18
N ILE B 99 -26.93 10.51 3.13
CA ILE B 99 -28.36 10.69 2.87
C ILE B 99 -29.19 10.06 3.99
N LEU B 100 -28.99 8.77 4.28
CA LEU B 100 -29.76 8.15 5.35
C LEU B 100 -29.44 8.73 6.72
N SER B 101 -28.36 9.48 6.83
CA SER B 101 -28.01 10.15 8.07
C SER B 101 -28.89 11.36 8.35
N LEU B 102 -29.89 11.58 7.50
CA LEU B 102 -30.81 12.70 7.63
C LEU B 102 -32.24 12.22 7.88
N GLU B 103 -32.39 11.12 8.62
CA GLU B 103 -33.73 10.66 9.00
C GLU B 103 -34.49 11.75 9.74
N GLU B 104 -33.77 12.63 10.45
CA GLU B 104 -34.38 13.82 11.04
C GLU B 104 -34.78 14.85 9.99
N GLY B 105 -34.38 14.65 8.74
CA GLY B 105 -34.73 15.54 7.66
C GLY B 105 -33.70 16.64 7.47
N LEU B 106 -33.74 17.23 6.28
CA LEU B 106 -33.00 18.45 6.00
C LEU B 106 -33.97 19.52 5.52
N ASP B 107 -33.52 20.77 5.58
CA ASP B 107 -34.37 21.89 5.20
C ASP B 107 -33.78 22.71 4.06
N LEU B 108 -32.59 22.36 3.58
CA LEU B 108 -31.92 23.11 2.53
C LEU B 108 -31.05 22.16 1.72
N LEU B 109 -31.40 21.97 0.44
CA LEU B 109 -30.61 21.17 -0.49
C LEU B 109 -30.05 22.08 -1.56
N THR B 110 -28.73 22.15 -1.66
CA THR B 110 -28.06 23.10 -2.54
C THR B 110 -27.28 22.40 -3.63
N PHE B 111 -27.29 22.98 -4.82
CA PHE B 111 -26.59 22.43 -5.97
C PHE B 111 -25.45 23.34 -6.40
N ASP B 112 -24.39 22.72 -6.90
CA ASP B 112 -23.39 23.43 -7.68
C ASP B 112 -23.84 23.35 -9.14
N ALA B 113 -24.38 24.45 -9.66
CA ALA B 113 -24.97 24.43 -10.99
C ALA B 113 -23.93 24.07 -12.05
N ASP B 114 -22.72 24.62 -11.93
CA ASP B 114 -21.73 24.42 -12.98
C ASP B 114 -21.26 22.98 -13.05
N GLU B 115 -21.34 22.24 -11.93
CA GLU B 115 -20.83 20.88 -11.85
C GLU B 115 -21.90 19.82 -12.02
N THR B 116 -23.17 20.13 -11.80
CA THR B 116 -24.18 19.09 -11.82
C THR B 116 -25.37 19.40 -12.71
N LEU B 117 -25.75 20.66 -12.85
CA LEU B 117 -26.99 20.98 -13.55
C LEU B 117 -26.78 21.31 -15.02
N TYR B 118 -25.70 22.01 -15.37
CA TYR B 118 -25.41 22.27 -16.78
C TYR B 118 -24.54 21.16 -17.32
N PRO B 119 -25.02 20.38 -18.30
CA PRO B 119 -24.14 19.40 -18.96
C PRO B 119 -23.25 20.10 -19.98
N ASP B 120 -21.93 19.96 -19.80
CA ASP B 120 -20.94 20.46 -20.75
C ASP B 120 -21.10 21.96 -20.97
N GLY B 121 -21.41 22.69 -19.90
CA GLY B 121 -21.50 24.13 -19.96
C GLY B 121 -22.70 24.68 -20.69
N HIS B 122 -23.68 23.84 -21.05
CA HIS B 122 -24.87 24.29 -21.74
C HIS B 122 -25.88 24.87 -20.76
N ASP B 123 -27.15 24.86 -21.14
CA ASP B 123 -28.23 25.22 -20.23
C ASP B 123 -28.88 23.95 -19.69
N PHE B 124 -29.75 24.14 -18.71
CA PHE B 124 -30.44 23.01 -18.11
C PHE B 124 -31.23 22.25 -19.17
N ASN B 125 -31.07 20.93 -19.20
CA ASN B 125 -31.74 20.12 -20.20
C ASN B 125 -31.85 18.68 -19.67
N ASP B 126 -32.87 18.46 -18.83
CA ASP B 126 -33.07 17.17 -18.20
C ASP B 126 -34.44 17.13 -17.54
N GLU B 127 -35.48 16.80 -18.31
CA GLU B 127 -36.82 16.78 -17.75
C GLU B 127 -36.95 15.81 -16.59
N VAL B 128 -36.11 14.78 -16.52
CA VAL B 128 -36.17 13.84 -15.42
C VAL B 128 -35.56 14.46 -14.16
N LEU B 129 -34.41 15.14 -14.29
CA LEU B 129 -33.80 15.77 -13.13
C LEU B 129 -34.69 16.89 -12.60
N ALA B 130 -35.24 17.71 -13.52
CA ALA B 130 -36.17 18.76 -13.11
C ALA B 130 -37.39 18.19 -12.37
N SER B 131 -37.79 16.96 -12.72
CA SER B 131 -38.89 16.31 -12.01
C SER B 131 -38.55 16.12 -10.53
N TYR B 132 -37.35 15.61 -10.25
CA TYR B 132 -36.94 15.29 -8.87
C TYR B 132 -36.71 16.54 -8.05
N ILE B 133 -36.13 17.58 -8.65
CA ILE B 133 -35.90 18.83 -7.91
C ILE B 133 -37.22 19.45 -7.51
N SER B 134 -38.18 19.48 -8.44
CA SER B 134 -39.49 20.02 -8.14
C SER B 134 -40.17 19.23 -7.02
N CYS B 135 -40.07 17.90 -7.05
CA CYS B 135 -40.61 17.09 -5.96
C CYS B 135 -40.00 17.49 -4.62
N LEU B 136 -38.67 17.62 -4.58
CA LEU B 136 -38.00 17.97 -3.34
C LEU B 136 -38.24 19.43 -2.95
N LEU B 137 -38.46 20.31 -3.91
CA LEU B 137 -38.73 21.70 -3.58
C LEU B 137 -39.95 21.83 -2.68
N LYS B 138 -40.87 20.87 -2.75
CA LYS B 138 -42.05 20.93 -1.91
C LYS B 138 -41.73 20.62 -0.45
N LYS B 139 -40.68 19.85 -0.19
CA LYS B 139 -40.37 19.41 1.16
C LYS B 139 -39.27 20.24 1.84
N MET B 140 -38.53 21.03 1.07
CA MET B 140 -37.36 21.74 1.62
C MET B 140 -37.06 22.94 0.75
N ASN B 141 -36.19 23.82 1.27
CA ASN B 141 -35.60 24.87 0.46
C ASN B 141 -34.58 24.29 -0.50
N ILE B 142 -34.51 24.84 -1.71
CA ILE B 142 -33.56 24.39 -2.71
C ILE B 142 -32.89 25.60 -3.31
N ALA B 143 -31.58 25.73 -3.11
CA ALA B 143 -30.80 26.81 -3.68
C ALA B 143 -29.79 26.26 -4.68
N ILE B 144 -29.36 27.14 -5.58
CA ILE B 144 -28.48 26.76 -6.69
C ILE B 144 -27.37 27.79 -6.76
N VAL B 145 -26.13 27.35 -6.62
CA VAL B 145 -24.96 28.22 -6.60
C VAL B 145 -24.19 28.05 -7.91
N THR B 146 -23.73 29.16 -8.47
CA THR B 146 -23.03 29.14 -9.74
C THR B 146 -22.00 30.25 -9.79
N ALA B 147 -20.90 29.98 -10.48
CA ALA B 147 -19.86 30.99 -10.62
C ALA B 147 -20.15 31.97 -11.75
N ALA B 148 -21.15 31.70 -12.59
CA ALA B 148 -21.51 32.64 -13.63
C ALA B 148 -21.88 33.98 -13.01
N SER B 149 -21.29 35.05 -13.53
CA SER B 149 -21.51 36.40 -13.02
C SER B 149 -22.17 37.23 -14.11
N TYR B 150 -23.43 37.57 -13.93
CA TYR B 150 -24.15 38.47 -14.81
C TYR B 150 -24.68 39.66 -14.03
N ASN B 151 -23.89 40.16 -13.07
CA ASN B 151 -24.37 41.13 -12.08
C ASN B 151 -25.68 40.65 -11.48
N ASN B 152 -26.61 41.58 -11.23
CA ASN B 152 -27.92 41.22 -10.74
C ASN B 152 -28.95 41.06 -11.85
N ASP B 153 -28.49 40.77 -13.07
CA ASP B 153 -29.36 40.63 -14.24
C ASP B 153 -30.08 39.28 -14.17
N ALA B 154 -31.33 39.29 -13.72
CA ALA B 154 -32.04 38.04 -13.49
C ALA B 154 -32.34 37.30 -14.78
N GLU B 155 -32.57 38.02 -15.89
CA GLU B 155 -32.89 37.36 -17.14
C GLU B 155 -31.76 36.48 -17.65
N LYS B 156 -30.51 36.89 -17.41
CA LYS B 156 -29.38 36.14 -17.93
C LYS B 156 -29.25 34.79 -17.22
N TYR B 157 -29.44 34.75 -15.90
CA TYR B 157 -29.45 33.49 -15.17
C TYR B 157 -30.65 32.62 -15.57
N GLN B 158 -31.79 33.25 -15.87
CA GLN B 158 -32.98 32.49 -16.25
C GLN B 158 -32.73 31.65 -17.50
N LYS B 159 -31.96 32.17 -18.47
CA LYS B 159 -31.67 31.41 -19.68
C LYS B 159 -30.98 30.09 -19.35
N ARG B 160 -30.07 30.09 -18.37
CA ARG B 160 -29.38 28.86 -18.01
C ARG B 160 -30.29 27.88 -17.27
N LEU B 161 -31.44 28.33 -16.79
CA LEU B 161 -32.33 27.49 -15.98
C LEU B 161 -33.76 27.49 -16.51
N GLU B 162 -33.98 27.85 -17.77
CA GLU B 162 -35.34 28.12 -18.24
C GLU B 162 -36.16 26.84 -18.27
N ASN B 163 -35.60 25.75 -18.84
CA ASN B 163 -36.30 24.46 -18.82
C ASN B 163 -36.65 24.05 -17.40
N LEU B 164 -35.74 24.23 -16.45
CA LEU B 164 -36.02 23.87 -15.06
C LEU B 164 -37.12 24.77 -14.50
N LEU B 165 -37.03 26.07 -14.75
CA LEU B 165 -38.08 26.97 -14.29
C LEU B 165 -39.38 26.73 -15.05
N LYS B 166 -39.30 26.31 -16.31
CA LYS B 166 -40.51 25.96 -17.05
C LYS B 166 -41.17 24.73 -16.47
N TYR B 167 -40.39 23.83 -15.87
CA TYR B 167 -41.01 22.73 -15.12
C TYR B 167 -41.71 23.25 -13.88
N PHE B 168 -41.07 24.18 -13.17
CA PHE B 168 -41.71 24.78 -12.00
C PHE B 168 -43.03 25.41 -12.35
N SER B 169 -43.15 26.00 -13.55
CA SER B 169 -44.36 26.69 -13.99
C SER B 169 -45.55 25.75 -14.17
N LYS B 170 -45.40 24.45 -13.91
CA LYS B 170 -46.49 23.50 -14.04
C LYS B 170 -46.69 22.62 -12.81
N HIS B 171 -45.75 22.61 -11.86
CA HIS B 171 -45.88 21.73 -10.70
C HIS B 171 -45.53 22.40 -9.38
N ASN B 172 -45.31 23.71 -9.34
CA ASN B 172 -44.74 24.28 -8.12
C ASN B 172 -45.31 25.63 -7.74
N ILE B 173 -46.43 26.05 -8.31
CA ILE B 173 -47.07 27.29 -7.90
C ILE B 173 -48.37 27.06 -7.14
N LYS B 174 -49.11 26.00 -7.47
CA LYS B 174 -50.37 25.74 -6.77
C LYS B 174 -50.15 25.50 -5.29
N ASP B 175 -49.00 24.91 -4.91
CA ASP B 175 -48.67 24.69 -3.52
C ASP B 175 -47.71 25.75 -2.97
N GLY B 176 -47.36 26.76 -3.78
CA GLY B 176 -46.49 27.83 -3.34
C GLY B 176 -45.06 27.44 -3.05
N SER B 177 -44.58 26.32 -3.62
CA SER B 177 -43.22 25.86 -3.34
C SER B 177 -42.16 26.73 -4.00
N TYR B 178 -42.53 27.58 -4.96
CA TYR B 178 -41.54 28.42 -5.63
C TYR B 178 -40.89 29.41 -4.68
N LYS B 179 -41.53 29.70 -3.54
CA LYS B 179 -40.92 30.57 -2.56
C LYS B 179 -39.63 29.99 -1.98
N ASN B 180 -39.45 28.67 -2.05
CA ASN B 180 -38.30 28.01 -1.45
C ASN B 180 -37.12 27.83 -2.40
N PHE B 181 -37.24 28.30 -3.65
CA PHE B 181 -36.15 28.20 -4.62
C PHE B 181 -35.29 29.45 -4.58
N TYR B 182 -33.97 29.25 -4.54
CA TYR B 182 -33.01 30.35 -4.47
C TYR B 182 -31.88 30.11 -5.46
N VAL B 183 -31.39 31.19 -6.07
CA VAL B 183 -30.25 31.12 -6.98
C VAL B 183 -29.20 32.12 -6.50
N MET B 184 -27.96 31.63 -6.34
CA MET B 184 -26.84 32.45 -5.91
C MET B 184 -25.82 32.50 -7.04
N GLY B 185 -25.72 33.66 -7.68
CA GLY B 185 -24.75 33.87 -8.74
C GLY B 185 -23.51 34.57 -8.21
N GLY B 186 -22.47 34.57 -9.04
CA GLY B 186 -21.20 35.17 -8.65
C GLY B 186 -20.59 34.51 -7.44
N GLU B 187 -20.85 33.21 -7.26
CA GLU B 187 -20.37 32.41 -6.14
C GLU B 187 -21.03 32.84 -4.83
N SER B 188 -21.09 34.14 -4.55
CA SER B 188 -21.75 34.59 -3.33
C SER B 188 -22.12 36.07 -3.38
N ASN B 189 -22.41 36.59 -4.57
CA ASN B 189 -22.56 38.03 -4.76
C ASN B 189 -23.94 38.47 -5.24
N TYR B 190 -24.72 37.58 -5.86
CA TYR B 190 -25.97 37.96 -6.50
C TYR B 190 -27.02 36.90 -6.19
N LEU B 191 -28.07 37.29 -5.48
CA LEU B 191 -29.08 36.36 -4.99
C LEU B 191 -30.40 36.59 -5.74
N PHE B 192 -31.07 35.50 -6.10
CA PHE B 192 -32.34 35.58 -6.82
C PHE B 192 -33.35 34.63 -6.21
N LYS B 193 -34.62 35.01 -6.31
CA LYS B 193 -35.73 34.19 -5.85
C LYS B 193 -36.67 33.92 -7.03
N CYS B 194 -37.80 33.27 -6.74
CA CYS B 194 -38.79 32.89 -7.74
C CYS B 194 -40.09 33.63 -7.47
N ASN B 195 -40.79 34.04 -8.53
CA ASN B 195 -42.10 34.69 -8.41
C ASN B 195 -43.21 33.72 -8.83
N GLU B 196 -44.44 34.21 -8.74
CA GLU B 196 -45.61 33.39 -9.05
C GLU B 196 -45.60 32.83 -10.48
N GLU B 197 -44.91 33.51 -11.40
CA GLU B 197 -44.92 33.13 -12.82
C GLU B 197 -43.65 32.41 -13.23
N ALA B 198 -42.97 31.75 -12.28
CA ALA B 198 -41.77 30.95 -12.56
C ALA B 198 -40.69 31.78 -13.24
N THR B 199 -40.43 32.96 -12.69
CA THR B 199 -39.49 33.91 -13.25
C THR B 199 -38.54 34.40 -12.17
N LEU B 200 -37.26 34.44 -12.50
CA LEU B 200 -36.27 34.90 -11.54
C LEU B 200 -36.35 36.41 -11.35
N TYR B 201 -36.28 36.83 -10.09
CA TYR B 201 -36.10 38.23 -9.74
C TYR B 201 -34.99 38.35 -8.71
N SER B 202 -34.39 39.54 -8.65
CA SER B 202 -33.22 39.76 -7.81
C SER B 202 -33.66 40.19 -6.41
N VAL B 203 -33.09 39.53 -5.40
CA VAL B 203 -33.23 39.96 -4.02
C VAL B 203 -32.23 41.09 -3.81
N PRO B 204 -32.69 42.32 -3.54
CA PRO B 204 -31.75 43.44 -3.41
C PRO B 204 -30.69 43.18 -2.34
N GLU B 205 -29.52 43.78 -2.57
CA GLU B 205 -28.36 43.52 -1.73
C GLU B 205 -28.59 43.91 -0.28
N ASN B 206 -29.46 44.90 -0.03
CA ASN B 206 -29.67 45.36 1.34
C ASN B 206 -30.31 44.28 2.20
N GLU B 207 -31.11 43.40 1.60
CA GLU B 207 -31.91 42.45 2.37
C GLU B 207 -31.10 41.29 2.93
N TRP B 208 -29.90 41.03 2.41
CA TRP B 208 -29.10 39.92 2.88
C TRP B 208 -27.62 40.27 3.09
N ARG B 209 -27.24 41.53 2.91
CA ARG B 209 -25.87 41.95 3.20
C ARG B 209 -25.48 41.64 4.64
N HIS B 210 -26.45 41.68 5.56
CA HIS B 210 -26.17 41.47 6.98
C HIS B 210 -25.59 40.09 7.26
N TYR B 211 -25.76 39.13 6.35
CA TYR B 211 -25.26 37.77 6.55
C TYR B 211 -23.95 37.49 5.82
N LYS B 212 -23.34 38.50 5.21
CA LYS B 212 -22.10 38.32 4.47
C LYS B 212 -21.03 39.24 5.03
N LYS B 213 -19.83 38.68 5.23
CA LYS B 213 -18.68 39.47 5.63
C LYS B 213 -18.40 40.52 4.56
N PHE B 214 -18.55 41.79 4.91
CA PHE B 214 -18.35 42.86 3.95
C PHE B 214 -16.91 42.88 3.46
N VAL B 215 -16.75 43.20 2.17
CA VAL B 215 -15.43 43.28 1.55
C VAL B 215 -15.31 44.64 0.87
N ASP B 216 -14.27 45.39 1.23
CA ASP B 216 -14.08 46.75 0.73
C ASP B 216 -14.02 46.76 -0.80
N TYR B 217 -14.45 47.88 -1.38
CA TYR B 217 -14.38 48.05 -2.83
C TYR B 217 -12.93 48.02 -3.31
N ASP B 218 -12.04 48.73 -2.60
CA ASP B 218 -10.66 48.81 -3.07
C ASP B 218 -9.94 47.47 -2.93
N THR B 219 -10.36 46.63 -1.99
CA THR B 219 -9.75 45.32 -1.87
C THR B 219 -10.21 44.39 -2.98
N VAL B 220 -11.48 44.51 -3.41
CA VAL B 220 -11.90 43.69 -4.56
C VAL B 220 -11.25 44.21 -5.83
N GLN B 221 -11.00 45.52 -5.91
CA GLN B 221 -10.32 46.05 -7.08
C GLN B 221 -8.85 45.69 -7.07
N GLU B 222 -8.26 45.55 -5.88
CA GLU B 222 -6.87 45.13 -5.81
C GLU B 222 -6.72 43.66 -6.19
N ILE B 223 -7.68 42.83 -5.82
CA ILE B 223 -7.63 41.42 -6.23
C ILE B 223 -7.69 41.31 -7.75
N LEU B 224 -8.54 42.11 -8.39
CA LEU B 224 -8.65 42.02 -9.84
C LEU B 224 -7.50 42.70 -10.56
N ASN B 225 -6.93 43.76 -9.97
CA ASN B 225 -5.74 44.35 -10.55
C ASN B 225 -4.54 43.43 -10.42
N ILE B 226 -4.41 42.75 -9.27
CA ILE B 226 -3.34 41.78 -9.11
C ILE B 226 -3.46 40.69 -10.17
N SER B 227 -4.67 40.19 -10.38
CA SER B 227 -4.88 39.15 -11.38
C SER B 227 -4.69 39.69 -12.79
N GLU B 228 -5.12 40.93 -13.04
CA GLU B 228 -4.91 41.53 -14.36
C GLU B 228 -3.42 41.48 -14.72
N LYS B 229 -2.56 42.00 -13.85
CA LYS B 229 -1.12 41.99 -14.14
C LYS B 229 -0.60 40.58 -14.30
N CYS B 230 -1.11 39.63 -13.52
CA CYS B 230 -0.69 38.24 -13.66
C CYS B 230 -1.03 37.68 -15.04
N LEU B 231 -2.28 37.88 -15.47
CA LEU B 231 -2.70 37.33 -16.76
C LEU B 231 -1.95 37.99 -17.90
N GLU B 232 -1.71 39.29 -17.81
CA GLU B 232 -0.91 39.96 -18.83
C GLU B 232 0.44 39.27 -19.01
N LYS B 233 1.11 38.95 -17.90
CA LYS B 233 2.41 38.29 -17.99
C LYS B 233 2.26 36.86 -18.51
N VAL B 234 1.16 36.18 -18.16
CA VAL B 234 0.92 34.85 -18.71
C VAL B 234 0.74 34.92 -20.22
N ILE B 235 0.00 35.94 -20.69
CA ILE B 235 -0.21 36.10 -22.13
C ILE B 235 1.12 36.30 -22.83
N LYS B 236 1.94 37.22 -22.33
CA LYS B 236 3.25 37.46 -22.93
C LYS B 236 4.14 36.22 -22.80
N ASP B 237 4.08 35.53 -21.66
CA ASP B 237 5.01 34.43 -21.41
C ASP B 237 4.72 33.20 -22.26
N PHE B 238 3.52 33.07 -22.83
CA PHE B 238 3.18 31.85 -23.55
C PHE B 238 2.61 32.13 -24.94
N GLY B 239 2.73 33.35 -25.43
CA GLY B 239 2.23 33.68 -26.77
C GLY B 239 0.76 33.40 -26.94
N LEU B 240 -0.06 33.76 -25.96
CA LEU B 240 -1.47 33.45 -26.00
C LEU B 240 -2.20 34.39 -26.93
N CYS B 241 -3.13 33.84 -27.71
CA CYS B 241 -4.12 34.66 -28.40
C CYS B 241 -5.34 34.71 -27.51
N ALA B 242 -5.24 35.57 -26.50
CA ALA B 242 -6.30 35.77 -25.53
C ALA B 242 -6.16 37.17 -24.96
N GLN B 243 -7.24 37.65 -24.35
CA GLN B 243 -7.23 38.94 -23.69
C GLN B 243 -8.04 38.84 -22.40
N ILE B 244 -7.96 39.90 -21.60
CA ILE B 244 -8.53 39.96 -20.26
C ILE B 244 -9.91 40.61 -20.32
N GLN B 245 -10.86 40.02 -19.62
CA GLN B 245 -12.24 40.49 -19.56
C GLN B 245 -12.54 40.82 -18.11
N ARG B 246 -12.67 42.11 -17.80
CA ARG B 246 -12.87 42.56 -16.42
C ARG B 246 -14.35 42.82 -16.18
N LYS B 247 -14.88 42.21 -15.13
CA LYS B 247 -16.22 42.50 -14.63
C LYS B 247 -16.12 43.23 -13.30
N GLU B 248 -17.27 43.47 -12.68
CA GLU B 248 -17.27 44.28 -11.47
C GLU B 248 -16.61 43.54 -10.30
N LYS B 249 -16.85 42.22 -10.18
CA LYS B 249 -16.28 41.44 -9.09
C LYS B 249 -15.57 40.19 -9.60
N SER B 250 -15.17 40.20 -10.87
CA SER B 250 -14.52 39.08 -11.52
C SER B 250 -13.58 39.60 -12.59
N ILE B 251 -12.66 38.75 -13.02
CA ILE B 251 -11.75 39.05 -14.13
C ILE B 251 -11.33 37.71 -14.72
N GLY B 252 -11.26 37.65 -16.04
CA GLY B 252 -11.09 36.37 -16.71
C GLY B 252 -10.14 36.45 -17.89
N LEU B 253 -9.40 35.36 -18.09
CA LEU B 253 -8.61 35.16 -19.30
C LEU B 253 -9.48 34.42 -20.31
N VAL B 254 -9.89 35.11 -21.37
CA VAL B 254 -10.81 34.56 -22.37
C VAL B 254 -10.03 34.36 -23.67
N PRO B 255 -10.11 33.18 -24.29
CA PRO B 255 -9.42 32.98 -25.57
C PRO B 255 -10.10 33.71 -26.71
N ASN B 256 -9.29 34.12 -27.68
CA ASN B 256 -9.77 34.77 -28.88
C ASN B 256 -10.34 33.74 -29.86
N LYS B 257 -11.08 34.25 -30.84
CA LYS B 257 -11.52 33.44 -31.97
C LYS B 257 -10.46 33.49 -33.05
N ILE B 258 -10.14 32.33 -33.63
CA ILE B 258 -9.14 32.23 -34.68
C ILE B 258 -9.68 31.31 -35.77
N PRO B 259 -9.15 31.44 -36.99
CA PRO B 259 -9.70 30.66 -38.11
C PRO B 259 -9.37 29.18 -37.99
N SER B 260 -10.12 28.37 -38.74
CA SER B 260 -9.89 26.93 -38.75
C SER B 260 -9.40 26.48 -40.12
N LEU B 261 -9.77 25.27 -40.53
CA LEU B 261 -9.67 24.87 -41.92
C LEU B 261 -10.98 25.22 -42.61
N ASN B 262 -10.88 25.60 -43.89
CA ASN B 262 -12.06 26.07 -44.62
C ASN B 262 -13.15 25.01 -44.69
N ILE B 263 -12.77 23.73 -44.59
CA ILE B 263 -13.76 22.65 -44.65
C ILE B 263 -14.48 22.51 -43.32
N LYS B 264 -13.86 22.92 -42.21
CA LYS B 264 -14.50 22.88 -40.91
C LYS B 264 -15.23 24.20 -40.67
N ASN B 265 -15.77 24.39 -39.47
CA ASN B 265 -16.39 25.66 -39.11
C ASN B 265 -15.36 26.78 -39.17
N GLU B 266 -15.70 27.85 -39.90
CA GLU B 266 -14.70 28.85 -40.23
C GLU B 266 -14.24 29.70 -39.04
N GLN B 267 -14.70 29.43 -37.82
CA GLN B 267 -14.17 30.11 -36.65
C GLN B 267 -14.26 29.23 -35.42
N LYS B 268 -13.18 29.19 -34.64
CA LYS B 268 -13.13 28.44 -33.40
C LYS B 268 -12.37 29.24 -32.36
N ASN B 269 -12.56 28.89 -31.10
CA ASN B 269 -11.80 29.52 -30.03
C ASN B 269 -10.35 29.06 -30.07
N TYR B 270 -9.44 30.00 -29.84
CA TYR B 270 -8.06 29.65 -29.52
C TYR B 270 -8.05 28.71 -28.31
N MET B 271 -7.13 27.75 -28.34
CA MET B 271 -7.06 26.74 -27.30
C MET B 271 -5.86 27.01 -26.41
N ILE B 272 -6.10 27.18 -25.12
CA ILE B 272 -5.05 27.37 -24.12
C ILE B 272 -4.76 26.04 -23.47
N LYS B 273 -3.48 25.63 -23.47
CA LYS B 273 -3.10 24.39 -22.82
C LYS B 273 -3.57 24.37 -21.38
N TYR B 274 -4.12 23.23 -20.97
CA TYR B 274 -4.54 23.06 -19.58
C TYR B 274 -3.39 23.36 -18.61
N GLU B 275 -2.16 22.97 -18.98
CA GLU B 275 -1.01 23.27 -18.13
C GLU B 275 -0.85 24.77 -17.94
N VAL B 276 -1.04 25.55 -18.99
CA VAL B 276 -0.84 27.00 -18.87
C VAL B 276 -1.95 27.64 -18.04
N LEU B 277 -3.17 27.10 -18.09
CA LEU B 277 -4.21 27.61 -17.21
C LEU B 277 -3.98 27.23 -15.76
N GLU B 278 -3.40 26.04 -15.52
CA GLU B 278 -3.05 25.68 -14.15
C GLU B 278 -1.89 26.53 -13.64
N GLU B 279 -0.87 26.73 -14.48
CA GLU B 279 0.24 27.61 -14.10
C GLU B 279 -0.28 28.99 -13.70
N ALA B 280 -1.28 29.50 -14.40
CA ALA B 280 -1.78 30.84 -14.11
C ALA B 280 -2.58 30.87 -12.81
N VAL B 281 -3.40 29.84 -12.55
CA VAL B 281 -4.27 29.88 -11.38
C VAL B 281 -3.45 30.00 -10.11
N ILE B 282 -2.38 29.24 -10.00
CA ILE B 282 -1.68 29.31 -8.73
C ILE B 282 -0.67 30.46 -8.73
N ARG B 283 -0.17 30.87 -9.91
CA ARG B 283 0.52 32.15 -10.03
C ARG B 283 -0.29 33.26 -9.37
N ILE B 284 -1.56 33.36 -9.74
CA ILE B 284 -2.48 34.32 -9.13
C ILE B 284 -2.63 34.05 -7.63
N LYS B 285 -2.85 32.79 -7.27
CA LYS B 285 -3.01 32.43 -5.85
C LYS B 285 -1.81 32.87 -5.03
N LYS B 286 -0.61 32.82 -5.61
CA LYS B 286 0.57 33.18 -4.83
C LYS B 286 0.71 34.69 -4.68
N GLU B 287 0.43 35.46 -5.72
CA GLU B 287 0.52 36.91 -5.59
C GLU B 287 -0.52 37.46 -4.63
N ILE B 288 -1.69 36.81 -4.58
CA ILE B 288 -2.70 37.22 -3.61
C ILE B 288 -2.22 36.95 -2.18
N ILE B 289 -1.55 35.82 -1.97
CA ILE B 289 -0.95 35.52 -0.68
C ILE B 289 0.22 36.46 -0.40
N LYS B 290 0.96 36.84 -1.45
CA LYS B 290 2.07 37.77 -1.30
C LYS B 290 1.58 39.16 -0.87
N ASN B 291 0.32 39.50 -1.14
CA ASN B 291 -0.26 40.78 -0.73
C ASN B 291 -1.11 40.65 0.52
N LYS B 292 -1.11 39.48 1.17
CA LYS B 292 -1.78 39.28 2.46
C LYS B 292 -3.23 39.74 2.41
N ILE B 293 -3.98 39.16 1.47
CA ILE B 293 -5.38 39.48 1.28
C ILE B 293 -6.21 38.40 1.96
N THR B 294 -7.10 38.82 2.85
CA THR B 294 -7.91 37.91 3.65
C THR B 294 -9.28 37.66 3.05
N ALA B 295 -9.72 38.47 2.09
CA ALA B 295 -11.05 38.33 1.55
C ALA B 295 -11.22 36.96 0.89
N PRO B 296 -12.37 36.32 1.03
CA PRO B 296 -12.60 35.06 0.33
C PRO B 296 -12.71 35.32 -1.17
N TYR B 297 -12.05 34.45 -1.94
CA TYR B 297 -12.06 34.56 -3.38
C TYR B 297 -12.01 33.16 -3.96
N CYS B 298 -11.91 33.08 -5.28
CA CYS B 298 -11.87 31.80 -5.97
C CYS B 298 -11.19 32.03 -7.31
N ALA B 299 -10.12 31.30 -7.57
CA ALA B 299 -9.45 31.32 -8.87
C ALA B 299 -9.47 29.90 -9.41
N PHE B 300 -10.19 29.68 -10.50
CA PHE B 300 -10.33 28.34 -11.04
C PHE B 300 -10.05 28.31 -12.53
N ASN B 301 -9.52 27.16 -12.97
CA ASN B 301 -9.38 26.81 -14.36
C ASN B 301 -10.67 26.10 -14.79
N GLY B 302 -11.42 26.70 -15.70
CA GLY B 302 -12.67 26.07 -16.12
C GLY B 302 -12.78 25.85 -17.62
N GLY B 303 -12.46 24.64 -18.07
CA GLY B 303 -12.47 24.38 -19.50
C GLY B 303 -11.42 25.16 -20.25
N GLN B 304 -11.85 26.06 -21.13
CA GLN B 304 -10.96 26.77 -22.04
C GLN B 304 -10.61 28.17 -21.56
N ASP B 305 -11.09 28.58 -20.39
CA ASP B 305 -10.80 29.91 -19.87
C ASP B 305 -10.58 29.85 -18.37
N LEU B 306 -10.07 30.96 -17.83
CA LEU B 306 -9.77 31.09 -16.41
C LEU B 306 -10.55 32.28 -15.86
N TRP B 307 -11.02 32.16 -14.62
CA TRP B 307 -11.79 33.24 -14.01
C TRP B 307 -11.36 33.43 -12.56
N VAL B 308 -11.29 34.68 -12.13
CA VAL B 308 -11.00 35.04 -10.74
C VAL B 308 -12.23 35.78 -10.21
N ASP B 309 -12.94 35.18 -9.26
CA ASP B 309 -14.14 35.75 -8.67
C ASP B 309 -13.90 36.11 -7.21
N VAL B 310 -14.42 37.27 -6.80
CA VAL B 310 -14.27 37.73 -5.41
C VAL B 310 -15.47 37.20 -4.64
N GLY B 311 -15.33 36.01 -4.08
CA GLY B 311 -16.36 35.32 -3.34
C GLY B 311 -16.12 33.89 -3.75
N ASN B 312 -16.53 32.96 -2.90
CA ASN B 312 -16.48 31.55 -3.26
C ASN B 312 -17.79 30.88 -2.86
N LYS B 313 -18.07 29.75 -3.52
CA LYS B 313 -19.33 29.05 -3.28
C LYS B 313 -19.47 28.64 -1.82
N ALA B 314 -18.35 28.33 -1.15
CA ALA B 314 -18.42 28.00 0.27
C ALA B 314 -19.06 29.13 1.08
N GLU B 315 -18.69 30.38 0.79
CA GLU B 315 -19.28 31.51 1.49
C GLU B 315 -20.75 31.66 1.15
N GLY B 316 -21.12 31.41 -0.11
CA GLY B 316 -22.52 31.51 -0.48
C GLY B 316 -23.40 30.56 0.30
N LEU B 317 -22.92 29.33 0.49
CA LEU B 317 -23.74 28.34 1.20
C LEU B 317 -23.89 28.70 2.67
N LEU B 318 -22.84 29.25 3.29
CA LEU B 318 -23.02 29.80 4.64
C LEU B 318 -24.04 30.94 4.63
N ILE B 319 -23.95 31.82 3.64
CA ILE B 319 -24.87 32.95 3.57
C ILE B 319 -26.30 32.47 3.47
N LEU B 320 -26.54 31.39 2.71
CA LEU B 320 -27.90 30.88 2.58
C LEU B 320 -28.41 30.31 3.89
N GLN B 321 -27.54 29.61 4.64
CA GLN B 321 -27.95 29.04 5.91
C GLN B 321 -28.15 30.12 6.96
N LYS B 322 -27.22 31.08 7.06
CA LYS B 322 -27.41 32.21 7.96
C LYS B 322 -28.69 32.97 7.62
N LEU B 323 -29.12 32.93 6.36
CA LEU B 323 -30.27 33.70 5.91
C LEU B 323 -31.57 32.99 6.23
N LEU B 324 -31.66 31.69 5.94
CA LEU B 324 -32.88 30.96 6.15
C LEU B 324 -32.96 30.29 7.52
N LYS B 325 -32.08 30.68 8.45
CA LYS B 325 -32.12 30.21 9.83
C LYS B 325 -32.08 28.67 9.91
N ILE B 326 -31.09 28.09 9.22
CA ILE B 326 -30.85 26.66 9.21
C ILE B 326 -29.41 26.41 9.68
N GLN B 327 -29.20 25.38 10.48
CA GLN B 327 -27.85 25.03 10.89
C GLN B 327 -27.46 23.67 10.30
N LYS B 328 -26.14 23.42 10.32
CA LYS B 328 -25.52 22.59 9.29
C LYS B 328 -26.05 21.16 9.27
N LYS B 329 -26.56 20.65 10.39
CA LYS B 329 -26.99 19.26 10.44
C LYS B 329 -28.28 18.98 9.66
N LYS B 330 -28.84 19.97 8.97
CA LYS B 330 -30.12 19.82 8.28
C LYS B 330 -30.05 20.40 6.87
N CYS B 331 -28.88 20.34 6.26
CA CYS B 331 -28.71 20.84 4.89
C CYS B 331 -27.54 20.10 4.24
N CYS B 332 -27.67 19.82 2.94
CA CYS B 332 -26.54 19.25 2.23
C CYS B 332 -26.43 19.84 0.83
N HIS B 333 -25.22 19.72 0.29
CA HIS B 333 -24.77 20.32 -0.95
C HIS B 333 -24.41 19.20 -1.94
N ILE B 334 -24.69 19.43 -3.22
CA ILE B 334 -24.37 18.44 -4.24
C ILE B 334 -23.42 19.07 -5.25
N GLY B 335 -22.23 18.51 -5.36
CA GLY B 335 -21.22 18.98 -6.30
C GLY B 335 -20.37 17.85 -6.86
N ASP B 336 -19.31 18.20 -7.58
CA ASP B 336 -18.42 17.22 -8.20
C ASP B 336 -16.98 17.61 -7.89
N GLN B 337 -16.31 16.79 -7.09
CA GLN B 337 -14.97 17.13 -6.62
C GLN B 337 -13.89 16.74 -7.61
N PHE B 338 -14.21 15.94 -8.63
CA PHE B 338 -13.27 15.71 -9.73
C PHE B 338 -13.00 16.98 -10.53
N LEU B 339 -13.77 18.03 -10.33
CA LEU B 339 -13.73 19.19 -11.21
C LEU B 339 -12.95 20.36 -10.64
N HIS B 340 -12.57 20.34 -9.35
CA HIS B 340 -11.70 21.37 -8.80
C HIS B 340 -10.48 20.71 -8.16
N SER B 341 -9.32 20.85 -8.81
CA SER B 341 -8.06 20.46 -8.18
C SER B 341 -7.75 21.34 -6.98
N GLY B 342 -8.16 22.61 -7.02
CA GLY B 342 -8.04 23.48 -5.87
C GLY B 342 -8.76 22.92 -4.66
N ASN B 343 -8.01 22.34 -3.73
CA ASN B 343 -8.60 21.76 -2.53
C ASN B 343 -9.26 22.81 -1.65
N ASP B 344 -8.83 24.06 -1.78
CA ASP B 344 -9.33 25.13 -0.91
C ASP B 344 -10.85 25.25 -1.01
N PHE B 345 -11.48 25.56 0.13
CA PHE B 345 -12.92 25.62 0.29
C PHE B 345 -13.54 24.30 -0.18
N PRO B 346 -13.38 23.20 0.58
CA PRO B 346 -13.90 21.91 0.12
C PRO B 346 -15.39 21.71 0.35
N THR B 347 -16.14 22.76 0.68
CA THR B 347 -17.60 22.71 0.83
C THR B 347 -18.04 21.82 2.00
N ARG B 348 -17.26 20.78 2.33
CA ARG B 348 -17.62 19.85 3.38
C ARG B 348 -17.42 20.43 4.79
N PHE B 349 -16.74 21.58 4.89
CA PHE B 349 -16.58 22.27 6.16
C PHE B 349 -17.76 23.17 6.48
N CYS B 350 -18.73 23.30 5.57
CA CYS B 350 -19.91 24.15 5.75
C CYS B 350 -21.20 23.37 5.81
N SER B 351 -21.27 22.24 5.13
CA SER B 351 -22.50 21.46 5.02
C SER B 351 -22.12 20.05 4.61
N LEU B 352 -23.07 19.13 4.76
CA LEU B 352 -22.87 17.82 4.17
C LEU B 352 -22.71 17.95 2.67
N THR B 353 -21.79 17.19 2.10
CA THR B 353 -21.49 17.29 0.69
C THR B 353 -21.64 15.93 0.03
N LEU B 354 -22.35 15.89 -1.08
CA LEU B 354 -22.42 14.69 -1.90
C LEU B 354 -21.55 14.88 -3.13
N TRP B 355 -20.87 13.81 -3.53
CA TRP B 355 -19.93 13.84 -4.64
C TRP B 355 -20.53 13.01 -5.77
N VAL B 356 -20.97 13.68 -6.83
CA VAL B 356 -21.59 13.04 -7.98
C VAL B 356 -20.87 13.53 -9.23
N SER B 357 -20.88 12.69 -10.28
CA SER B 357 -20.04 12.92 -11.45
C SER B 357 -20.74 12.71 -12.79
N ASN B 358 -22.06 12.51 -12.81
CA ASN B 358 -22.84 12.50 -14.02
C ASN B 358 -24.31 12.60 -13.63
N PRO B 359 -25.17 13.07 -14.54
CA PRO B 359 -26.59 13.27 -14.17
C PRO B 359 -27.25 12.02 -13.61
N GLN B 360 -26.85 10.84 -14.10
CA GLN B 360 -27.43 9.61 -13.57
C GLN B 360 -27.13 9.45 -12.09
N GLU B 361 -25.88 9.71 -11.68
CA GLU B 361 -25.54 9.65 -10.25
C GLU B 361 -26.31 10.67 -9.45
N THR B 362 -26.53 11.87 -10.00
CA THR B 362 -27.29 12.89 -9.29
C THR B 362 -28.72 12.44 -9.05
N LYS B 363 -29.35 11.89 -10.10
CA LYS B 363 -30.74 11.43 -9.94
C LYS B 363 -30.81 10.30 -8.92
N ALA B 364 -29.84 9.39 -8.93
CA ALA B 364 -29.81 8.32 -7.94
C ALA B 364 -29.76 8.89 -6.53
N CYS B 365 -29.00 9.97 -6.34
CA CYS B 365 -28.91 10.58 -5.02
C CYS B 365 -30.23 11.22 -4.62
N LEU B 366 -30.87 11.93 -5.55
CA LEU B 366 -32.14 12.57 -5.20
C LEU B 366 -33.23 11.54 -4.95
N LYS B 367 -33.28 10.48 -5.77
CA LYS B 367 -34.21 9.39 -5.50
C LYS B 367 -34.09 8.91 -4.06
N SER B 368 -32.86 8.76 -3.58
CA SER B 368 -32.66 8.39 -2.18
C SER B 368 -33.22 9.46 -1.25
N ILE B 369 -33.05 10.73 -1.61
CA ILE B 369 -33.49 11.81 -0.74
C ILE B 369 -35.02 11.93 -0.68
N MET B 370 -35.72 11.45 -1.71
CA MET B 370 -37.17 11.50 -1.66
C MET B 370 -37.76 10.47 -0.69
N HIS B 371 -37.10 9.33 -0.54
CA HIS B 371 -37.66 8.19 0.17
C HIS B 371 -37.37 8.19 1.66
N LEU B 372 -37.09 9.36 2.25
CA LEU B 372 -36.98 9.41 3.71
C LEU B 372 -38.31 9.78 4.35
#